data_3AGL
#
_entry.id   3AGL
#
_cell.length_a   73.180
_cell.length_b   105.170
_cell.length_c   106.470
_cell.angle_alpha   90.00
_cell.angle_beta   90.00
_cell.angle_gamma   90.00
#
_symmetry.space_group_name_H-M   'P 21 21 21'
#
loop_
_entity.id
_entity.type
_entity.pdbx_description
1 polymer 'cAMP-dependent protein kinase catalytic subunit alpha'
2 non-polymer '(10R,20R,23R)-1-[(2S,3S,4R,5R)-5-(6-amino-9H-purin-9-yl)-3,4-dihydroxytetrahydrofuran-2-yl]-20,23-bis(3-carbamimidamido propyl)-10-methyl-1,8,11,18,21-pentaoxo-2,9,12,19,22-pentaazatetracosan-24-amide'
3 water water
#
_entity_poly.entity_id   1
_entity_poly.type   'polypeptide(L)'
_entity_poly.pdbx_seq_one_letter_code
;MGNAAAAKKG(SEP)EQESVKEFLAKAKEDFLKKWESPAQNTAHLDQFERIKTLGTGSFGRVMLVKHKETGNHYAMKILD
KQKVVKLKQIEHTLNEKRILQAVNFPFLVKLEFSFKDNSNLYMVMEYVPGGEMFSHLRRIGRFSEPHARFYAAQIVLTFE
YLHSLDLIYRDLKPENLLIDQQGYIQVTDFGFAKRVKGRTW(TPO)LCGTPEYLAPEIILSKGYNKAVDWWALGVLIYEM
AAGYPPFFADQPIQIYEKIVSGKVRFPSHFSSDLKDLLRNLLQVDLTKRFGNLKNGVNDIKNHKWFATTDWIAIYQRKVE
APFIPKFKGPGDTSNFDDYEEEEIRV(SEP)INEKCGKEFSEF
;
_entity_poly.pdbx_strand_id   A,B
#
loop_
_chem_comp.id
_chem_comp.type
_chem_comp.name
_chem_comp.formula
A03 peptide-like '(10R,20R,23R)-1-[(2S,3S,4R,5R)-5-(6-amino-9H-purin-9-yl)-3,4-dihydroxytetrahydrofuran-2-yl]-20,23-bis(3-carbamimidamido propyl)-10-methyl-1,8,11,18,21-pentaoxo-2,9,12,19,22-pentaazatetracosan-24-amide' 'C37 H63 N17 O9'
#
# COMPACT_ATOMS: atom_id res chain seq x y z
N SEP A 11 23.55 1.36 46.16
CA SEP A 11 23.00 0.01 45.85
CB SEP A 11 22.83 -0.81 47.13
OG SEP A 11 21.88 -1.86 46.93
C SEP A 11 21.69 0.11 45.09
O SEP A 11 21.53 -0.47 44.01
P SEP A 11 22.47 -3.33 47.28
O1P SEP A 11 23.45 -3.28 48.57
O2P SEP A 11 23.29 -3.91 46.01
O3P SEP A 11 21.23 -4.34 47.59
N GLU A 12 20.75 0.83 45.68
CA GLU A 12 19.52 1.23 45.02
C GLU A 12 19.89 2.01 43.75
N GLN A 13 21.01 2.74 43.82
CA GLN A 13 21.49 3.59 42.72
C GLN A 13 22.27 2.81 41.66
N GLU A 14 23.06 1.82 42.07
CA GLU A 14 23.83 1.02 41.12
C GLU A 14 22.92 0.24 40.16
N SER A 15 21.77 -0.21 40.65
CA SER A 15 20.83 -0.96 39.82
C SER A 15 20.08 -0.03 38.84
N VAL A 16 19.84 1.21 39.26
CA VAL A 16 19.34 2.25 38.34
C VAL A 16 20.35 2.48 37.21
N LYS A 17 21.61 2.67 37.60
CA LYS A 17 22.73 2.83 36.69
C LYS A 17 22.84 1.66 35.70
N GLU A 18 22.71 0.43 36.22
CA GLU A 18 22.66 -0.78 35.42
C GLU A 18 21.50 -0.77 34.42
N PHE A 19 20.30 -0.43 34.90
CA PHE A 19 19.10 -0.40 34.07
C PHE A 19 19.30 0.58 32.92
N LEU A 20 19.86 1.75 33.24
CA LEU A 20 20.00 2.82 32.27
C LEU A 20 20.99 2.47 31.16
N ALA A 21 22.15 1.94 31.53
CA ALA A 21 23.18 1.52 30.56
C ALA A 21 22.60 0.50 29.58
N LYS A 22 21.84 -0.45 30.11
CA LYS A 22 21.18 -1.45 29.29
C LYS A 22 20.16 -0.80 28.35
N ALA A 23 19.35 0.11 28.90
CA ALA A 23 18.35 0.81 28.11
C ALA A 23 18.97 1.59 26.93
N LYS A 24 20.14 2.19 27.18
CA LYS A 24 20.89 2.91 26.16
C LYS A 24 21.36 1.99 25.03
N GLU A 25 21.92 0.84 25.41
CA GLU A 25 22.35 -0.18 24.44
C GLU A 25 21.23 -0.43 23.45
N ASP A 26 20.03 -0.67 23.97
CA ASP A 26 18.85 -1.02 23.17
C ASP A 26 18.40 0.11 22.28
N PHE A 27 18.31 1.31 22.86
CA PHE A 27 17.96 2.52 22.15
C PHE A 27 18.87 2.78 20.93
N LEU A 28 20.18 2.67 21.14
CA LEU A 28 21.18 2.93 20.09
C LEU A 28 21.07 1.95 18.92
N LYS A 29 20.85 0.67 19.21
CA LYS A 29 20.61 -0.32 18.15
C LYS A 29 19.50 0.12 17.21
N LYS A 30 18.43 0.69 17.76
CA LYS A 30 17.33 1.17 16.94
C LYS A 30 17.56 2.59 16.40
N TRP A 31 18.23 3.43 17.19
CA TRP A 31 18.59 4.79 16.78
C TRP A 31 19.48 4.80 15.54
N GLU A 32 20.41 3.85 15.49
CA GLU A 32 21.43 3.76 14.43
C GLU A 32 20.91 3.15 13.14
N SER A 33 19.92 2.27 13.27
CA SER A 33 19.25 1.69 12.10
C SER A 33 17.74 1.67 12.30
N PRO A 34 17.08 2.81 12.00
CA PRO A 34 15.64 2.95 12.18
C PRO A 34 14.87 1.89 11.41
N ALA A 35 13.74 1.46 11.97
CA ALA A 35 12.83 0.57 11.27
C ALA A 35 12.17 1.32 10.10
N GLN A 36 11.80 0.59 9.05
CA GLN A 36 10.98 1.17 7.99
C GLN A 36 10.00 0.17 7.41
N ASN A 37 8.76 0.63 7.27
CA ASN A 37 7.69 -0.06 6.56
C ASN A 37 7.35 0.88 5.38
N THR A 38 6.54 0.52 4.37
CA THR A 38 5.68 -0.69 4.17
C THR A 38 4.27 -0.51 4.73
N ALA A 39 3.34 -0.16 3.84
CA ALA A 39 1.92 0.05 4.14
C ALA A 39 1.33 1.11 3.23
N HIS A 40 -0.01 1.14 3.15
CA HIS A 40 -0.72 2.16 2.38
C HIS A 40 -1.96 2.59 3.12
N LEU A 41 -2.39 3.82 2.87
CA LEU A 41 -3.55 4.38 3.55
C LEU A 41 -4.78 3.54 3.27
N ASP A 42 -4.89 3.01 2.04
CA ASP A 42 -6.04 2.22 1.65
C ASP A 42 -6.15 0.87 2.36
N GLN A 43 -5.17 0.52 3.20
CA GLN A 43 -5.24 -0.68 4.06
C GLN A 43 -6.02 -0.42 5.38
N PHE A 44 -6.43 0.84 5.58
CA PHE A 44 -7.07 1.27 6.81
C PHE A 44 -8.47 1.85 6.58
N GLU A 45 -9.35 1.66 7.55
CA GLU A 45 -10.62 2.34 7.55
C GLU A 45 -10.50 3.43 8.60
N ARG A 46 -10.82 4.66 8.22
CA ARG A 46 -10.80 5.77 9.17
C ARG A 46 -12.07 5.67 10.02
N ILE A 47 -11.91 5.83 11.32
CA ILE A 47 -13.05 5.80 12.22
C ILE A 47 -13.38 7.17 12.80
N LYS A 48 -12.40 7.85 13.38
CA LYS A 48 -12.65 9.15 14.01
C LYS A 48 -11.38 9.97 14.11
N THR A 49 -11.50 11.28 13.94
CA THR A 49 -10.41 12.18 14.25
C THR A 49 -10.31 12.39 15.76
N LEU A 50 -9.15 12.06 16.33
CA LEU A 50 -8.92 12.16 17.78
C LEU A 50 -8.26 13.48 18.21
N GLY A 51 -7.62 14.15 17.26
CA GLY A 51 -6.87 15.37 17.54
C GLY A 51 -6.42 15.96 16.22
N THR A 52 -6.24 17.27 16.21
CA THR A 52 -5.78 18.00 15.02
C THR A 52 -4.72 19.02 15.41
N GLY A 53 -3.99 19.51 14.42
CA GLY A 53 -3.04 20.58 14.61
C GLY A 53 -2.85 21.31 13.29
N SER A 54 -1.84 22.17 13.23
CA SER A 54 -1.60 23.02 12.06
C SER A 54 -1.06 22.28 10.84
N PHE A 55 -0.42 21.12 11.04
CA PHE A 55 0.14 20.36 9.90
C PHE A 55 -0.22 18.86 9.87
N GLY A 56 -1.06 18.42 10.79
CA GLY A 56 -1.41 17.02 10.83
C GLY A 56 -2.62 16.78 11.69
N ARG A 57 -2.91 15.50 11.90
CA ARG A 57 -3.99 15.11 12.77
C ARG A 57 -3.73 13.69 13.29
N VAL A 58 -4.54 13.30 14.27
CA VAL A 58 -4.47 11.93 14.78
C VAL A 58 -5.83 11.28 14.62
N MET A 59 -5.81 10.10 14.00
CA MET A 59 -7.03 9.39 13.68
C MET A 59 -7.06 8.01 14.30
N LEU A 60 -8.22 7.68 14.83
CA LEU A 60 -8.53 6.32 15.10
C LEU A 60 -8.84 5.64 13.77
N VAL A 61 -8.14 4.54 13.52
CA VAL A 61 -8.28 3.77 12.29
C VAL A 61 -8.37 2.27 12.63
N LYS A 62 -8.96 1.51 11.71
CA LYS A 62 -9.01 0.07 11.82
C LYS A 62 -8.24 -0.54 10.65
N HIS A 63 -7.26 -1.37 10.99
CA HIS A 63 -6.46 -2.03 9.96
C HIS A 63 -7.34 -3.15 9.40
N LYS A 64 -7.68 -3.06 8.12
CA LYS A 64 -8.69 -3.96 7.53
C LYS A 64 -8.34 -5.45 7.60
N GLU A 65 -7.11 -5.80 7.24
CA GLU A 65 -6.70 -7.22 7.16
C GLU A 65 -6.82 -7.95 8.53
N THR A 66 -6.49 -7.23 9.60
CA THR A 66 -6.40 -7.79 10.96
C THR A 66 -7.56 -7.37 11.88
N GLY A 67 -8.18 -6.23 11.59
CA GLY A 67 -9.23 -5.69 12.44
C GLY A 67 -8.67 -4.89 13.62
N ASN A 68 -7.35 -4.80 13.72
CA ASN A 68 -6.70 -4.05 14.78
C ASN A 68 -6.99 -2.56 14.70
N HIS A 69 -7.27 -1.97 15.87
CA HIS A 69 -7.41 -0.52 16.00
C HIS A 69 -6.07 0.13 16.35
N TYR A 70 -5.79 1.27 15.69
CA TYR A 70 -4.59 2.04 15.94
C TYR A 70 -4.88 3.55 15.99
N ALA A 71 -3.98 4.31 16.62
CA ALA A 71 -4.06 5.75 16.50
C ALA A 71 -3.02 6.15 15.47
N MET A 72 -3.48 6.74 14.37
CA MET A 72 -2.58 7.04 13.25
C MET A 72 -2.37 8.53 13.16
N LYS A 73 -1.13 8.95 13.38
CA LYS A 73 -0.78 10.35 13.21
C LYS A 73 -0.47 10.53 11.73
N ILE A 74 -1.19 11.47 11.11
CA ILE A 74 -1.04 11.74 9.67
C ILE A 74 -0.52 13.15 9.52
N LEU A 75 0.64 13.30 8.87
CA LEU A 75 1.22 14.63 8.66
C LEU A 75 1.26 14.97 7.18
N ASP A 76 0.77 16.16 6.83
CA ASP A 76 0.80 16.68 5.46
C ASP A 76 2.21 17.21 5.15
N LYS A 77 2.92 16.53 4.25
CA LYS A 77 4.32 16.86 3.95
C LYS A 77 4.52 18.32 3.54
N GLN A 78 3.62 18.84 2.71
CA GLN A 78 3.75 20.21 2.24
C GLN A 78 3.59 21.19 3.38
N LYS A 79 2.62 20.95 4.26
CA LYS A 79 2.46 21.80 5.44
C LYS A 79 3.65 21.71 6.39
N VAL A 80 4.21 20.51 6.55
CA VAL A 80 5.42 20.32 7.37
C VAL A 80 6.56 21.24 6.87
N VAL A 81 6.82 21.17 5.57
CA VAL A 81 7.89 21.93 4.91
C VAL A 81 7.64 23.43 5.03
N LYS A 82 6.42 23.85 4.70
CA LYS A 82 6.02 25.24 4.76
C LYS A 82 6.19 25.83 6.17
N LEU A 83 5.85 25.05 7.19
CA LEU A 83 5.99 25.46 8.58
C LEU A 83 7.36 25.10 9.19
N LYS A 84 8.28 24.73 8.31
CA LYS A 84 9.67 24.39 8.67
C LYS A 84 9.80 23.36 9.80
N GLN A 85 8.97 22.32 9.73
CA GLN A 85 8.97 21.28 10.75
C GLN A 85 9.61 19.97 10.29
N ILE A 86 10.44 20.03 9.24
CA ILE A 86 11.01 18.82 8.64
C ILE A 86 11.83 18.03 9.66
N GLU A 87 12.83 18.71 10.25
CA GLU A 87 13.70 18.08 11.24
C GLU A 87 12.90 17.51 12.40
N HIS A 88 11.92 18.29 12.88
CA HIS A 88 11.06 17.85 13.99
C HIS A 88 10.26 16.58 13.71
N THR A 89 9.70 16.46 12.50
CA THR A 89 8.98 15.24 12.13
C THR A 89 9.93 14.06 12.02
N LEU A 90 11.14 14.32 11.52
CA LEU A 90 12.19 13.29 11.44
C LEU A 90 12.64 12.85 12.84
N ASN A 91 12.89 13.80 13.73
CA ASN A 91 13.18 13.49 15.14
C ASN A 91 12.08 12.62 15.74
N GLU A 92 10.83 13.04 15.54
CA GLU A 92 9.72 12.36 16.20
C GLU A 92 9.65 10.88 15.80
N LYS A 93 9.71 10.62 14.50
CA LYS A 93 9.71 9.23 14.02
C LYS A 93 10.92 8.44 14.54
N ARG A 94 12.12 9.01 14.38
CA ARG A 94 13.35 8.30 14.77
C ARG A 94 13.41 7.98 16.28
N ILE A 95 13.03 8.96 17.10
CA ILE A 95 13.00 8.76 18.55
C ILE A 95 11.94 7.74 18.94
N LEU A 96 10.69 7.97 18.51
CA LEU A 96 9.60 7.08 18.92
C LEU A 96 9.81 5.62 18.57
N GLN A 97 10.44 5.36 17.42
CA GLN A 97 10.71 3.97 17.03
C GLN A 97 11.83 3.32 17.85
N ALA A 98 12.65 4.13 18.51
CA ALA A 98 13.80 3.59 19.23
C ALA A 98 13.61 3.42 20.76
N VAL A 99 12.67 4.16 21.34
CA VAL A 99 12.45 4.12 22.78
C VAL A 99 11.61 2.93 23.20
N ASN A 100 11.71 2.57 24.47
CA ASN A 100 10.99 1.46 25.05
C ASN A 100 10.93 1.77 26.54
N PHE A 101 9.73 2.09 27.02
CA PHE A 101 9.52 2.42 28.42
C PHE A 101 8.01 2.28 28.73
N PRO A 102 7.66 1.81 29.94
CA PRO A 102 6.27 1.51 30.31
C PRO A 102 5.30 2.70 30.15
N PHE A 103 5.79 3.93 30.22
CA PHE A 103 4.92 5.11 30.18
C PHE A 103 5.01 5.93 28.88
N LEU A 104 5.57 5.30 27.84
CA LEU A 104 5.67 5.92 26.51
C LEU A 104 4.80 5.17 25.51
N VAL A 105 3.99 5.90 24.75
CA VAL A 105 3.15 5.28 23.75
C VAL A 105 4.02 4.51 22.75
N LYS A 106 3.52 3.35 22.32
CA LYS A 106 4.26 2.50 21.40
C LYS A 106 4.00 2.91 19.94
N LEU A 107 5.07 3.20 19.21
CA LEU A 107 4.95 3.31 17.76
C LEU A 107 5.05 1.91 17.13
N GLU A 108 3.97 1.47 16.50
CA GLU A 108 3.94 0.14 15.87
C GLU A 108 4.69 0.12 14.53
N PHE A 109 4.42 1.11 13.70
CA PHE A 109 5.14 1.26 12.42
C PHE A 109 4.89 2.64 11.81
N SER A 110 5.72 2.97 10.83
CA SER A 110 5.59 4.22 10.11
C SER A 110 5.68 3.99 8.62
N PHE A 111 5.16 4.93 7.84
CA PHE A 111 5.27 4.89 6.39
C PHE A 111 4.92 6.25 5.84
N LYS A 112 5.02 6.37 4.52
CA LYS A 112 4.72 7.62 3.88
C LYS A 112 4.16 7.30 2.51
N ASP A 113 3.44 8.25 1.93
CA ASP A 113 2.95 8.15 0.57
C ASP A 113 3.21 9.48 -0.15
N ASN A 114 2.56 9.73 -1.28
CA ASN A 114 2.86 10.91 -2.09
C ASN A 114 2.66 12.18 -1.27
N SER A 115 1.62 12.20 -0.44
CA SER A 115 1.17 13.40 0.29
C SER A 115 1.55 13.52 1.78
N ASN A 116 1.56 12.40 2.47
CA ASN A 116 1.58 12.37 3.92
C ASN A 116 2.64 11.46 4.51
N LEU A 117 2.92 11.70 5.79
CA LEU A 117 3.73 10.83 6.62
C LEU A 117 2.79 10.22 7.63
N TYR A 118 3.05 8.97 7.99
CA TYR A 118 2.15 8.27 8.90
C TYR A 118 2.95 7.63 10.03
N MET A 119 2.47 7.83 11.25
CA MET A 119 3.00 7.10 12.40
C MET A 119 1.83 6.39 13.06
N VAL A 120 1.88 5.07 13.04
CA VAL A 120 0.77 4.26 13.53
C VAL A 120 1.06 3.79 14.95
N MET A 121 0.39 4.39 15.93
CA MET A 121 0.64 4.09 17.34
C MET A 121 -0.39 3.12 17.89
N GLU A 122 -0.08 2.51 19.02
CA GLU A 122 -1.07 1.84 19.83
C GLU A 122 -2.17 2.85 20.20
N TYR A 123 -3.43 2.46 19.99
CA TYR A 123 -4.56 3.30 20.38
C TYR A 123 -4.76 3.19 21.90
N VAL A 124 -4.73 4.34 22.58
CA VAL A 124 -5.07 4.43 24.01
C VAL A 124 -6.46 5.06 24.18
N PRO A 125 -7.50 4.22 24.41
CA PRO A 125 -8.89 4.69 24.41
C PRO A 125 -9.32 5.55 25.63
N GLY A 126 -8.53 5.55 26.69
CA GLY A 126 -8.86 6.30 27.91
C GLY A 126 -8.91 7.83 27.75
N GLY A 127 -8.30 8.36 26.70
CA GLY A 127 -8.34 9.79 26.46
C GLY A 127 -7.23 10.52 27.20
N GLU A 128 -7.20 11.84 27.04
CA GLU A 128 -6.16 12.70 27.61
C GLU A 128 -6.40 12.94 29.08
N MET A 129 -5.32 12.99 29.86
CA MET A 129 -5.43 13.45 31.25
C MET A 129 -6.13 14.81 31.33
N PHE A 130 -5.89 15.65 30.33
CA PHE A 130 -6.48 16.98 30.26
C PHE A 130 -7.99 16.97 30.43
N SER A 131 -8.68 16.10 29.68
CA SER A 131 -10.12 16.05 29.72
C SER A 131 -10.60 15.56 31.07
N HIS A 132 -9.93 14.53 31.62
CA HIS A 132 -10.30 13.98 32.95
C HIS A 132 -10.07 15.03 34.06
N LEU A 133 -8.95 15.74 33.99
CA LEU A 133 -8.62 16.81 34.93
C LEU A 133 -9.65 17.94 34.86
N ARG A 134 -9.87 18.48 33.66
CA ARG A 134 -10.89 19.53 33.48
C ARG A 134 -12.27 19.10 34.01
N ARG A 135 -12.68 17.86 33.76
CA ARG A 135 -13.98 17.34 34.22
C ARG A 135 -14.09 17.24 35.74
N ILE A 136 -13.08 16.70 36.39
CA ILE A 136 -13.11 16.49 37.86
C ILE A 136 -12.81 17.79 38.59
N GLY A 137 -12.10 18.70 37.92
CA GLY A 137 -11.69 19.99 38.49
C GLY A 137 -10.22 19.96 38.89
N ARG A 138 -9.90 19.21 39.95
CA ARG A 138 -8.51 18.99 40.32
C ARG A 138 -8.32 17.60 40.92
N PHE A 139 -7.07 17.11 40.92
CA PHE A 139 -6.71 15.83 41.50
C PHE A 139 -6.19 16.07 42.92
N SER A 140 -6.51 15.14 43.83
CA SER A 140 -5.87 15.15 45.14
C SER A 140 -4.34 15.02 45.01
N GLU A 141 -3.62 15.40 46.07
CA GLU A 141 -2.15 15.31 46.02
C GLU A 141 -1.66 13.86 45.81
N PRO A 142 -2.26 12.87 46.52
CA PRO A 142 -1.90 11.47 46.23
C PRO A 142 -2.08 11.09 44.75
N HIS A 143 -3.17 11.56 44.15
CA HIS A 143 -3.47 11.26 42.77
C HIS A 143 -2.48 11.96 41.81
N ALA A 144 -2.26 13.26 42.04
CA ALA A 144 -1.27 14.03 41.27
C ALA A 144 0.11 13.41 41.38
N ARG A 145 0.47 12.99 42.58
CA ARG A 145 1.77 12.38 42.87
C ARG A 145 1.97 11.06 42.13
N PHE A 146 0.91 10.26 42.01
CA PHE A 146 0.92 9.01 41.25
C PHE A 146 1.27 9.28 39.76
N TYR A 147 0.61 10.26 39.17
CA TYR A 147 0.96 10.64 37.80
C TYR A 147 2.33 11.28 37.70
N ALA A 148 2.67 12.15 38.65
CA ALA A 148 3.94 12.89 38.59
C ALA A 148 5.14 11.94 38.65
N ALA A 149 5.00 10.87 39.42
CA ALA A 149 6.09 9.93 39.66
C ALA A 149 6.43 9.19 38.37
N GLN A 150 5.40 8.90 37.58
CA GLN A 150 5.56 8.27 36.28
C GLN A 150 6.29 9.19 35.32
N ILE A 151 6.02 10.49 35.37
CA ILE A 151 6.73 11.46 34.52
C ILE A 151 8.20 11.57 34.94
N VAL A 152 8.46 11.58 36.25
CA VAL A 152 9.82 11.65 36.75
C VAL A 152 10.67 10.48 36.21
N LEU A 153 10.14 9.26 36.33
CA LEU A 153 10.80 8.08 35.84
C LEU A 153 11.00 8.14 34.32
N THR A 154 10.01 8.68 33.61
CA THR A 154 10.07 8.77 32.15
C THR A 154 11.13 9.80 31.70
N PHE A 155 11.23 10.92 32.39
CA PHE A 155 12.27 11.91 32.12
C PHE A 155 13.66 11.40 32.49
N GLU A 156 13.77 10.62 33.56
CA GLU A 156 15.04 9.97 33.92
C GLU A 156 15.46 9.07 32.78
N TYR A 157 14.50 8.32 32.23
CA TYR A 157 14.76 7.43 31.09
C TYR A 157 15.19 8.27 29.86
N LEU A 158 14.36 9.21 29.47
CA LEU A 158 14.62 10.01 28.27
C LEU A 158 15.93 10.80 28.33
N HIS A 159 16.19 11.47 29.45
CA HIS A 159 17.38 12.31 29.57
C HIS A 159 18.70 11.54 29.56
N SER A 160 18.72 10.32 30.09
CA SER A 160 19.91 9.48 30.04
C SER A 160 20.26 9.09 28.61
N LEU A 161 19.27 9.16 27.71
CA LEU A 161 19.46 8.88 26.29
C LEU A 161 19.76 10.16 25.50
N ASP A 162 19.97 11.26 26.22
CA ASP A 162 20.17 12.61 25.64
C ASP A 162 18.95 13.11 24.84
N LEU A 163 17.76 12.72 25.28
CA LEU A 163 16.54 13.17 24.64
C LEU A 163 15.86 14.22 25.50
N ILE A 164 15.50 15.34 24.89
CA ILE A 164 14.68 16.35 25.54
C ILE A 164 13.29 16.24 24.94
N TYR A 165 12.26 16.18 25.79
CA TYR A 165 10.90 15.95 25.33
C TYR A 165 10.19 17.22 24.82
N ARG A 166 10.17 18.26 25.66
CA ARG A 166 9.79 19.63 25.23
C ARG A 166 8.30 19.91 24.99
N ASP A 167 7.43 18.97 25.34
CA ASP A 167 6.01 19.27 25.19
C ASP A 167 5.16 18.61 26.27
N LEU A 168 5.69 18.56 27.48
CA LEU A 168 4.91 18.03 28.59
C LEU A 168 3.67 18.89 28.81
N LYS A 169 2.51 18.25 28.85
CA LYS A 169 1.25 18.90 29.19
C LYS A 169 0.20 17.80 29.34
N PRO A 170 -0.84 18.03 30.15
CA PRO A 170 -1.83 16.96 30.34
C PRO A 170 -2.47 16.45 29.04
N GLU A 171 -2.58 17.31 28.01
CA GLU A 171 -3.06 16.91 26.67
C GLU A 171 -2.26 15.76 26.04
N ASN A 172 -1.01 15.59 26.47
CA ASN A 172 -0.11 14.61 25.84
C ASN A 172 0.04 13.33 26.68
N LEU A 173 -0.68 13.31 27.78
CA LEU A 173 -0.61 12.19 28.70
C LEU A 173 -1.89 11.35 28.58
N LEU A 174 -1.79 10.21 27.89
CA LEU A 174 -2.97 9.36 27.72
C LEU A 174 -3.11 8.44 28.93
N ILE A 175 -4.35 8.15 29.31
CA ILE A 175 -4.62 7.23 30.41
C ILE A 175 -4.96 5.84 29.86
N ASP A 176 -4.12 4.84 30.15
CA ASP A 176 -4.38 3.50 29.66
C ASP A 176 -5.39 2.74 30.53
N GLN A 177 -5.70 1.51 30.14
CA GLN A 177 -6.71 0.72 30.83
C GLN A 177 -6.31 0.19 32.20
N GLN A 178 -5.05 0.41 32.59
CA GLN A 178 -4.62 0.17 33.97
C GLN A 178 -4.63 1.48 34.79
N GLY A 179 -4.98 2.61 34.16
CA GLY A 179 -4.99 3.91 34.87
C GLY A 179 -3.62 4.58 34.93
N TYR A 180 -2.65 4.05 34.17
CA TYR A 180 -1.30 4.62 34.04
C TYR A 180 -1.17 5.44 32.77
N ILE A 181 -0.15 6.30 32.77
CA ILE A 181 0.13 7.23 31.70
C ILE A 181 0.83 6.58 30.50
N GLN A 182 0.46 7.04 29.31
CA GLN A 182 1.17 6.79 28.08
C GLN A 182 1.43 8.15 27.46
N VAL A 183 2.70 8.58 27.43
CA VAL A 183 3.07 9.87 26.87
C VAL A 183 3.03 9.78 25.36
N THR A 184 2.36 10.73 24.72
CA THR A 184 2.28 10.74 23.28
C THR A 184 2.81 12.07 22.71
N ASP A 185 2.86 12.21 21.40
CA ASP A 185 3.29 13.43 20.73
C ASP A 185 4.76 13.79 21.00
N PHE A 186 5.64 13.18 20.22
CA PHE A 186 7.06 13.44 20.29
C PHE A 186 7.50 14.46 19.27
N GLY A 187 6.54 15.27 18.82
CA GLY A 187 6.73 16.22 17.72
C GLY A 187 7.82 17.24 17.98
N PHE A 188 8.08 17.57 19.25
CA PHE A 188 9.20 18.45 19.62
C PHE A 188 10.41 17.75 20.30
N ALA A 189 10.37 16.43 20.44
CA ALA A 189 11.48 15.75 21.09
C ALA A 189 12.74 15.87 20.24
N LYS A 190 13.92 15.97 20.88
CA LYS A 190 15.19 16.09 20.16
C LYS A 190 16.30 15.32 20.87
N ARG A 191 17.15 14.66 20.11
CA ARG A 191 18.33 14.07 20.69
C ARG A 191 19.44 15.10 20.59
N VAL A 192 20.01 15.44 21.74
CA VAL A 192 20.96 16.52 21.77
C VAL A 192 21.67 16.48 23.11
N LYS A 193 22.99 16.54 23.03
CA LYS A 193 23.85 16.58 24.20
C LYS A 193 24.17 18.05 24.38
N GLY A 194 23.93 18.55 25.57
CA GLY A 194 24.15 19.96 25.83
C GLY A 194 22.96 20.78 25.40
N ARG A 195 23.20 21.82 24.62
CA ARG A 195 22.20 22.87 24.44
C ARG A 195 21.55 22.93 23.05
N THR A 196 20.29 23.37 23.03
CA THR A 196 19.54 23.58 21.81
C THR A 196 18.81 24.92 21.91
N TRP A 197 18.25 25.38 20.80
CA TRP A 197 17.76 26.76 20.68
C TRP A 197 16.33 26.94 20.15
N TPO A 198 15.70 25.88 19.62
CA TPO A 198 14.41 26.10 18.93
CB TPO A 198 13.90 24.87 18.16
CG2 TPO A 198 12.70 25.23 17.26
OG1 TPO A 198 14.96 24.32 17.40
P TPO A 198 15.62 22.93 17.87
O1P TPO A 198 16.86 22.76 17.04
O2P TPO A 198 15.90 23.12 19.34
O3P TPO A 198 14.55 21.90 17.61
C TPO A 198 13.32 26.64 19.85
O TPO A 198 13.09 26.12 20.94
N LEU A 199 12.63 27.69 19.39
CA LEU A 199 11.43 28.13 20.05
C LEU A 199 10.28 27.18 19.72
N CYS A 200 9.99 26.27 20.65
CA CYS A 200 8.85 25.36 20.49
C CYS A 200 8.26 25.03 21.83
N GLY A 201 7.07 24.46 21.81
CA GLY A 201 6.40 24.00 23.02
C GLY A 201 5.00 24.56 23.07
N THR A 202 4.50 24.68 24.29
CA THR A 202 3.17 25.19 24.55
C THR A 202 3.29 26.34 25.56
N PRO A 203 2.73 27.53 25.24
CA PRO A 203 2.96 28.77 26.00
C PRO A 203 2.93 28.64 27.52
N GLU A 204 1.87 28.06 28.06
CA GLU A 204 1.73 27.88 29.50
C GLU A 204 2.85 27.04 30.13
N TYR A 205 3.49 26.20 29.31
CA TYR A 205 4.50 25.27 29.78
C TYR A 205 5.97 25.66 29.50
N LEU A 206 6.19 26.77 28.80
CA LEU A 206 7.55 27.20 28.43
C LEU A 206 8.39 27.67 29.63
N ALA A 207 9.58 27.09 29.81
CA ALA A 207 10.61 27.62 30.74
C ALA A 207 11.05 29.03 30.37
N PRO A 208 11.51 29.81 31.37
CA PRO A 208 11.93 31.18 31.10
C PRO A 208 13.02 31.27 30.04
N GLU A 209 13.94 30.30 30.03
CA GLU A 209 15.10 30.37 29.15
C GLU A 209 14.73 30.11 27.68
N ILE A 210 13.62 29.42 27.43
CA ILE A 210 13.08 29.29 26.09
C ILE A 210 12.50 30.63 25.63
N ILE A 211 11.75 31.28 26.51
CA ILE A 211 11.14 32.58 26.24
C ILE A 211 12.20 33.66 26.02
N LEU A 212 13.27 33.61 26.82
CA LEU A 212 14.36 34.58 26.72
C LEU A 212 15.31 34.26 25.58
N SER A 213 14.98 33.20 24.83
CA SER A 213 15.68 32.88 23.59
C SER A 213 17.16 32.49 23.86
N LYS A 214 17.37 31.74 24.93
CA LYS A 214 18.69 31.30 25.33
C LYS A 214 18.97 29.89 24.80
N GLY A 215 20.22 29.46 24.89
CA GLY A 215 20.53 28.06 24.68
C GLY A 215 20.06 27.32 25.91
N TYR A 216 19.17 26.36 25.73
CA TYR A 216 18.59 25.66 26.86
C TYR A 216 18.83 24.17 26.78
N ASN A 217 18.60 23.47 27.88
CA ASN A 217 18.90 22.06 27.95
C ASN A 217 17.74 21.33 28.57
N LYS A 218 18.01 20.12 29.06
CA LYS A 218 17.00 19.26 29.68
C LYS A 218 16.27 19.86 30.90
N ALA A 219 16.84 20.88 31.53
CA ALA A 219 16.16 21.51 32.66
C ALA A 219 14.77 22.06 32.26
N VAL A 220 14.55 22.33 30.98
CA VAL A 220 13.22 22.83 30.57
C VAL A 220 12.13 21.79 30.82
N ASP A 221 12.49 20.51 30.73
CA ASP A 221 11.52 19.44 31.00
C ASP A 221 11.16 19.38 32.51
N TRP A 222 12.14 19.67 33.37
CA TRP A 222 11.86 19.73 34.81
C TRP A 222 11.01 20.95 35.19
N TRP A 223 11.27 22.09 34.59
CA TRP A 223 10.36 23.24 34.70
C TRP A 223 8.95 22.81 34.31
N ALA A 224 8.81 22.21 33.13
CA ALA A 224 7.52 21.75 32.67
C ALA A 224 6.87 20.79 33.65
N LEU A 225 7.67 19.97 34.34
CA LEU A 225 7.09 19.04 35.33
C LEU A 225 6.46 19.86 36.48
N GLY A 226 7.12 20.93 36.89
CA GLY A 226 6.55 21.83 37.91
C GLY A 226 5.20 22.38 37.48
N VAL A 227 5.09 22.81 36.22
CA VAL A 227 3.80 23.33 35.71
C VAL A 227 2.71 22.26 35.75
N LEU A 228 3.06 21.05 35.32
CA LEU A 228 2.14 19.93 35.29
C LEU A 228 1.62 19.56 36.68
N ILE A 229 2.54 19.43 37.63
CA ILE A 229 2.16 19.12 39.02
C ILE A 229 1.23 20.19 39.56
N TYR A 230 1.61 21.46 39.35
CA TYR A 230 0.78 22.60 39.74
C TYR A 230 -0.59 22.46 39.10
N GLU A 231 -0.63 22.27 37.78
CA GLU A 231 -1.94 22.17 37.10
C GLU A 231 -2.79 20.99 37.60
N MET A 232 -2.20 19.79 37.72
CA MET A 232 -2.93 18.65 38.27
C MET A 232 -3.54 18.93 39.65
N ALA A 233 -2.77 19.56 40.52
CA ALA A 233 -3.22 19.76 41.91
C ALA A 233 -4.13 20.99 42.11
N ALA A 234 -3.96 22.02 41.28
CA ALA A 234 -4.81 23.23 41.34
C ALA A 234 -6.02 23.18 40.42
N GLY A 235 -5.87 22.51 39.27
CA GLY A 235 -6.92 22.50 38.25
C GLY A 235 -6.71 23.56 37.18
N TYR A 236 -5.69 24.40 37.36
CA TYR A 236 -5.33 25.40 36.37
C TYR A 236 -3.80 25.57 36.44
N PRO A 237 -3.17 26.08 35.37
CA PRO A 237 -1.71 26.25 35.39
C PRO A 237 -1.27 27.49 36.21
N PRO A 238 -0.01 27.52 36.68
CA PRO A 238 0.49 28.62 37.52
C PRO A 238 0.55 29.96 36.79
N PHE A 239 0.80 29.92 35.48
CA PHE A 239 0.93 31.13 34.67
C PHE A 239 -0.10 31.10 33.55
N PHE A 240 -1.06 31.99 33.64
CA PHE A 240 -2.10 32.11 32.62
C PHE A 240 -2.51 33.56 32.50
N ALA A 241 -3.00 33.90 31.31
CA ALA A 241 -3.45 35.24 30.99
C ALA A 241 -4.08 35.18 29.62
N ASP A 242 -4.75 36.25 29.23
CA ASP A 242 -5.39 36.29 27.92
C ASP A 242 -4.41 36.19 26.76
N GLN A 243 -3.34 36.99 26.80
CA GLN A 243 -2.39 37.03 25.70
C GLN A 243 -1.14 36.23 26.02
N PRO A 244 -0.55 35.58 25.00
CA PRO A 244 0.67 34.80 25.25
C PRO A 244 1.76 35.66 25.90
N ILE A 245 2.00 36.85 25.34
CA ILE A 245 2.96 37.81 25.93
C ILE A 245 2.75 38.02 27.43
N GLN A 246 1.49 38.15 27.85
CA GLN A 246 1.18 38.28 29.28
C GLN A 246 1.56 37.03 30.08
N ILE A 247 1.37 35.85 29.48
CA ILE A 247 1.80 34.59 30.10
C ILE A 247 3.34 34.55 30.28
N TYR A 248 4.05 35.03 29.27
CA TYR A 248 5.53 35.04 29.26
C TYR A 248 6.11 35.96 30.32
N GLU A 249 5.52 37.16 30.48
CA GLU A 249 5.89 38.10 31.53
C GLU A 249 5.76 37.47 32.91
N LYS A 250 4.68 36.73 33.13
CA LYS A 250 4.50 36.03 34.41
C LYS A 250 5.55 34.91 34.60
N ILE A 251 5.81 34.16 33.55
CA ILE A 251 6.77 33.06 33.62
C ILE A 251 8.15 33.56 34.05
N VAL A 252 8.63 34.62 33.41
CA VAL A 252 9.99 35.10 33.69
C VAL A 252 10.10 35.98 34.95
N SER A 253 8.97 36.33 35.55
CA SER A 253 8.99 37.22 36.71
C SER A 253 9.60 36.62 38.00
N GLY A 254 9.59 35.29 38.15
CA GLY A 254 10.03 34.69 39.42
C GLY A 254 8.92 34.65 40.47
N LYS A 255 7.71 35.02 40.06
CA LYS A 255 6.55 35.06 40.96
C LYS A 255 5.52 33.99 40.59
N VAL A 256 5.10 33.23 41.58
CA VAL A 256 4.03 32.20 41.47
C VAL A 256 3.26 32.11 42.80
N ARG A 257 1.93 32.10 42.72
CA ARG A 257 1.08 31.99 43.89
C ARG A 257 0.50 30.58 43.93
N PHE A 258 0.31 30.06 45.14
CA PHE A 258 -0.22 28.72 45.28
C PHE A 258 -1.62 28.76 45.89
N PRO A 259 -2.51 27.86 45.44
CA PRO A 259 -3.80 27.74 46.09
C PRO A 259 -3.61 27.39 47.56
N SER A 260 -4.55 27.77 48.41
CA SER A 260 -4.35 27.63 49.84
C SER A 260 -4.38 26.17 50.31
N HIS A 261 -4.94 25.26 49.50
CA HIS A 261 -4.96 23.84 49.83
C HIS A 261 -3.66 23.06 49.51
N PHE A 262 -2.70 23.70 48.84
CA PHE A 262 -1.43 23.03 48.53
C PHE A 262 -0.68 22.79 49.84
N SER A 263 -0.20 21.56 50.03
CA SER A 263 0.60 21.23 51.23
C SER A 263 1.92 22.02 51.22
N SER A 264 2.51 22.21 52.39
CA SER A 264 3.82 22.88 52.40
C SER A 264 4.91 22.08 51.63
N ASP A 265 4.86 20.75 51.69
CA ASP A 265 5.79 19.91 50.91
C ASP A 265 5.62 20.12 49.41
N LEU A 266 4.37 20.21 48.94
CA LEU A 266 4.14 20.47 47.52
C LEU A 266 4.67 21.83 47.09
N LYS A 267 4.40 22.85 47.88
CA LYS A 267 4.85 24.20 47.58
C LYS A 267 6.38 24.26 47.51
N ASP A 268 7.07 23.60 48.46
CA ASP A 268 8.52 23.56 48.44
C ASP A 268 9.03 22.89 47.16
N LEU A 269 8.48 21.73 46.79
CA LEU A 269 8.87 21.07 45.54
C LEU A 269 8.65 22.02 44.35
N LEU A 270 7.49 22.66 44.29
CA LEU A 270 7.18 23.53 43.14
C LEU A 270 8.08 24.75 43.05
N ARG A 271 8.50 25.28 44.20
CA ARG A 271 9.41 26.43 44.19
C ARG A 271 10.77 26.03 43.59
N ASN A 272 11.12 24.76 43.75
CA ASN A 272 12.37 24.26 43.21
C ASN A 272 12.31 23.78 41.76
N LEU A 273 11.13 23.37 41.30
CA LEU A 273 10.91 23.02 39.89
C LEU A 273 10.63 24.26 39.06
N LEU A 274 9.77 25.14 39.58
CA LEU A 274 9.51 26.43 38.96
C LEU A 274 10.54 27.48 39.38
N GLN A 275 11.81 27.06 39.42
CA GLN A 275 12.92 27.96 39.68
C GLN A 275 13.30 28.58 38.34
N VAL A 276 13.17 29.91 38.26
CA VAL A 276 13.43 30.65 37.05
C VAL A 276 14.93 30.58 36.66
N ASP A 277 15.82 30.46 37.64
CA ASP A 277 17.25 30.32 37.36
C ASP A 277 17.54 28.83 37.13
N LEU A 278 17.73 28.47 35.86
CA LEU A 278 17.92 27.05 35.46
C LEU A 278 19.05 26.34 36.24
N THR A 279 20.06 27.12 36.67
CA THR A 279 21.22 26.57 37.36
C THR A 279 20.91 26.17 38.80
N LYS A 280 19.77 26.65 39.32
CA LYS A 280 19.26 26.29 40.66
C LYS A 280 18.02 25.37 40.62
N ARG A 281 17.58 25.00 39.43
CA ARG A 281 16.35 24.20 39.28
C ARG A 281 16.58 22.71 39.61
N PHE A 282 15.69 22.14 40.41
CA PHE A 282 15.71 20.71 40.72
C PHE A 282 15.63 19.87 39.45
N GLY A 283 16.45 18.82 39.38
CA GLY A 283 16.59 18.02 38.17
C GLY A 283 17.86 18.37 37.45
N ASN A 284 18.34 19.60 37.68
CA ASN A 284 19.49 20.17 37.00
C ASN A 284 20.67 20.53 37.94
N LEU A 285 20.63 20.04 39.18
CA LEU A 285 21.73 20.26 40.14
C LEU A 285 22.65 19.03 40.12
N LYS A 286 23.74 19.08 40.88
CA LYS A 286 24.73 17.99 40.88
C LYS A 286 24.12 16.61 41.09
N ASN A 287 23.07 16.55 41.90
CA ASN A 287 22.41 15.29 42.24
C ASN A 287 21.31 14.87 41.26
N GLY A 288 21.12 15.67 40.21
CA GLY A 288 20.24 15.30 39.10
C GLY A 288 18.83 14.98 39.53
N VAL A 289 18.30 13.87 39.03
CA VAL A 289 16.90 13.50 39.27
C VAL A 289 16.64 13.12 40.73
N ASN A 290 17.70 12.75 41.46
CA ASN A 290 17.55 12.31 42.84
C ASN A 290 17.11 13.41 43.81
N ASP A 291 17.39 14.68 43.50
CA ASP A 291 16.82 15.79 44.29
C ASP A 291 15.28 15.75 44.27
N ILE A 292 14.74 15.37 43.12
CA ILE A 292 13.30 15.24 42.94
C ILE A 292 12.81 13.98 43.63
N LYS A 293 13.44 12.86 43.32
CA LYS A 293 12.97 11.56 43.84
C LYS A 293 13.05 11.47 45.37
N ASN A 294 14.01 12.19 45.96
CA ASN A 294 14.24 12.21 47.41
C ASN A 294 13.49 13.33 48.13
N HIS A 295 12.75 14.15 47.39
CA HIS A 295 11.96 15.22 48.01
C HIS A 295 10.88 14.67 48.94
N LYS A 296 10.65 15.37 50.04
CA LYS A 296 9.61 14.96 51.00
C LYS A 296 8.23 14.70 50.36
N TRP A 297 7.88 15.45 49.32
CA TRP A 297 6.56 15.27 48.71
C TRP A 297 6.43 13.87 48.11
N PHE A 298 7.57 13.27 47.74
CA PHE A 298 7.58 11.94 47.15
C PHE A 298 7.98 10.89 48.17
N ALA A 299 7.96 11.23 49.45
CA ALA A 299 8.45 10.32 50.50
C ALA A 299 7.68 9.00 50.52
N THR A 300 6.39 9.04 50.19
CA THR A 300 5.59 7.80 50.18
C THR A 300 5.60 7.06 48.84
N THR A 301 6.32 7.58 47.85
CA THR A 301 6.35 6.95 46.53
C THR A 301 7.31 5.75 46.48
N ASP A 302 6.78 4.58 46.14
CA ASP A 302 7.60 3.37 45.90
C ASP A 302 7.98 3.39 44.42
N TRP A 303 9.17 3.92 44.11
CA TRP A 303 9.58 4.15 42.71
C TRP A 303 9.55 2.91 41.82
N ILE A 304 9.98 1.77 42.37
CA ILE A 304 10.01 0.49 41.65
C ILE A 304 8.60 -0.10 41.44
N ALA A 305 7.75 -0.02 42.47
CA ALA A 305 6.34 -0.40 42.31
C ALA A 305 5.61 0.43 41.23
N ILE A 306 5.90 1.73 41.14
CA ILE A 306 5.38 2.57 40.06
C ILE A 306 5.84 2.03 38.68
N TYR A 307 7.17 1.91 38.50
CA TYR A 307 7.73 1.38 37.26
C TYR A 307 7.07 0.04 36.86
N GLN A 308 6.86 -0.83 37.84
CA GLN A 308 6.22 -2.14 37.62
C GLN A 308 4.70 -2.12 37.51
N ARG A 309 4.11 -0.95 37.65
CA ARG A 309 2.65 -0.80 37.56
C ARG A 309 1.91 -1.59 38.63
N LYS A 310 2.51 -1.72 39.82
CA LYS A 310 1.91 -2.48 40.92
C LYS A 310 1.04 -1.62 41.86
N VAL A 311 1.07 -0.30 41.68
CA VAL A 311 0.34 0.61 42.54
C VAL A 311 -1.07 0.74 41.99
N GLU A 312 -2.05 0.63 42.87
CA GLU A 312 -3.45 0.83 42.48
C GLU A 312 -3.60 2.25 41.93
N ALA A 313 -4.13 2.33 40.72
CA ALA A 313 -4.33 3.61 40.06
C ALA A 313 -5.50 4.37 40.69
N PRO A 314 -5.46 5.72 40.67
CA PRO A 314 -6.55 6.56 41.18
C PRO A 314 -7.87 6.26 40.49
N PHE A 315 -7.85 6.07 39.16
CA PHE A 315 -9.04 5.61 38.44
C PHE A 315 -8.68 4.88 37.15
N ILE A 316 -9.63 4.09 36.67
CA ILE A 316 -9.52 3.39 35.40
C ILE A 316 -10.63 3.90 34.50
N PRO A 317 -10.26 4.41 33.31
CA PRO A 317 -11.26 4.98 32.39
C PRO A 317 -12.28 3.95 31.97
N LYS A 318 -13.51 4.43 31.75
CA LYS A 318 -14.61 3.63 31.23
C LYS A 318 -14.23 3.05 29.86
N PHE A 319 -14.43 1.74 29.72
CA PHE A 319 -14.03 1.00 28.52
C PHE A 319 -15.24 0.38 27.82
N LYS A 320 -15.60 0.93 26.67
CA LYS A 320 -16.73 0.42 25.88
C LYS A 320 -16.27 -0.40 24.68
N GLY A 321 -15.34 -1.33 24.90
CA GLY A 321 -14.93 -2.26 23.86
C GLY A 321 -13.93 -1.68 22.89
N PRO A 322 -13.41 -2.53 21.98
CA PRO A 322 -12.42 -2.06 21.02
C PRO A 322 -13.04 -0.98 20.11
N GLY A 323 -12.29 0.10 19.90
CA GLY A 323 -12.72 1.16 18.99
C GLY A 323 -13.63 2.22 19.58
N ASP A 324 -13.94 2.13 20.87
CA ASP A 324 -14.75 3.16 21.56
C ASP A 324 -13.98 4.47 21.67
N THR A 325 -14.65 5.58 21.36
CA THR A 325 -14.03 6.91 21.36
C THR A 325 -14.72 7.89 22.32
N SER A 326 -15.55 7.37 23.21
CA SER A 326 -16.32 8.20 24.14
C SER A 326 -15.46 9.12 25.00
N ASN A 327 -14.17 8.80 25.20
CA ASN A 327 -13.27 9.62 26.03
C ASN A 327 -12.58 10.77 25.31
N PHE A 328 -12.89 10.93 24.03
CA PHE A 328 -12.31 11.97 23.20
C PHE A 328 -13.38 12.94 22.75
N ASP A 329 -12.96 14.18 22.55
CA ASP A 329 -13.78 15.24 21.99
C ASP A 329 -14.04 14.97 20.52
N ASP A 330 -15.11 15.57 20.02
CA ASP A 330 -15.45 15.52 18.60
C ASP A 330 -14.70 16.59 17.83
N TYR A 331 -14.16 16.23 16.67
CA TYR A 331 -13.52 17.18 15.78
C TYR A 331 -14.18 17.08 14.43
N GLU A 332 -14.09 18.15 13.65
CA GLU A 332 -14.62 18.20 12.28
C GLU A 332 -13.87 17.17 11.42
N GLU A 333 -14.60 16.27 10.77
CA GLU A 333 -13.99 15.21 9.97
C GLU A 333 -13.65 15.77 8.58
N GLU A 334 -12.37 15.74 8.23
CA GLU A 334 -11.93 16.28 6.94
C GLU A 334 -11.36 15.18 6.05
N GLU A 335 -11.44 15.39 4.74
CA GLU A 335 -10.92 14.44 3.76
C GLU A 335 -9.41 14.23 3.96
N ILE A 336 -8.94 13.02 3.72
CA ILE A 336 -7.49 12.80 3.61
C ILE A 336 -7.15 12.54 2.15
N ARG A 337 -6.41 13.48 1.58
CA ARG A 337 -6.08 13.47 0.17
C ARG A 337 -4.74 12.77 -0.02
N VAL A 338 -4.64 11.95 -1.06
CA VAL A 338 -3.34 11.41 -1.46
C VAL A 338 -3.09 11.74 -2.93
N SEP A 339 -2.12 12.61 -3.18
CA SEP A 339 -1.87 13.15 -4.51
CB SEP A 339 -0.86 14.30 -4.42
OG SEP A 339 -0.34 14.61 -5.72
C SEP A 339 -1.40 12.09 -5.51
O SEP A 339 -0.89 11.05 -5.12
P SEP A 339 -1.26 15.64 -6.56
O1P SEP A 339 -1.90 16.73 -5.54
O2P SEP A 339 -0.31 16.37 -7.62
O3P SEP A 339 -2.46 14.88 -7.32
N ILE A 340 -1.59 12.38 -6.80
CA ILE A 340 -1.09 11.53 -7.89
C ILE A 340 0.43 11.60 -7.95
N ASN A 341 0.97 12.74 -7.53
CA ASN A 341 2.40 12.99 -7.61
C ASN A 341 3.05 13.06 -6.25
N GLU A 342 4.28 12.58 -6.17
CA GLU A 342 5.01 12.60 -4.92
C GLU A 342 5.39 14.03 -4.53
N LYS A 343 5.01 14.44 -3.32
CA LYS A 343 5.40 15.75 -2.81
C LYS A 343 6.60 15.62 -1.88
N CYS A 344 7.55 16.54 -2.03
CA CYS A 344 8.64 16.72 -1.04
C CYS A 344 9.46 15.45 -0.80
N GLY A 345 9.76 14.73 -1.89
CA GLY A 345 10.51 13.48 -1.83
C GLY A 345 11.86 13.53 -1.14
N LYS A 346 12.72 14.46 -1.57
CA LYS A 346 14.06 14.56 -0.96
C LYS A 346 14.03 14.95 0.51
N GLU A 347 13.15 15.88 0.87
CA GLU A 347 13.04 16.35 2.25
C GLU A 347 12.78 15.21 3.21
N PHE A 348 11.98 14.24 2.78
CA PHE A 348 11.55 13.18 3.67
C PHE A 348 12.10 11.78 3.34
N SER A 349 13.24 11.71 2.66
CA SER A 349 13.82 10.42 2.24
C SER A 349 14.30 9.58 3.43
N GLU A 350 14.74 10.23 4.49
CA GLU A 350 15.14 9.56 5.73
C GLU A 350 13.92 9.01 6.50
N PHE A 351 12.73 9.57 6.27
CA PHE A 351 11.51 9.01 6.88
C PHE A 351 11.18 7.60 6.37
N SER B 15 13.80 -28.78 -13.14
CA SER B 15 12.62 -29.47 -13.75
C SER B 15 11.75 -28.51 -14.59
N VAL B 16 11.47 -27.31 -14.06
CA VAL B 16 10.82 -26.25 -14.84
C VAL B 16 11.73 -25.88 -16.02
N LYS B 17 13.01 -25.60 -15.68
CA LYS B 17 14.07 -25.34 -16.64
C LYS B 17 14.11 -26.38 -17.75
N GLU B 18 13.98 -27.65 -17.37
CA GLU B 18 14.03 -28.76 -18.32
C GLU B 18 12.77 -28.82 -19.17
N PHE B 19 11.61 -28.60 -18.56
CA PHE B 19 10.35 -28.53 -19.29
C PHE B 19 10.42 -27.44 -20.38
N LEU B 20 10.98 -26.28 -20.02
CA LEU B 20 11.01 -25.15 -20.94
C LEU B 20 12.10 -25.33 -22.00
N ALA B 21 13.19 -26.00 -21.63
CA ALA B 21 14.20 -26.36 -22.62
C ALA B 21 13.61 -27.26 -23.71
N LYS B 22 12.86 -28.26 -23.28
CA LYS B 22 12.17 -29.18 -24.17
C LYS B 22 11.14 -28.44 -25.05
N ALA B 23 10.33 -27.60 -24.40
CA ALA B 23 9.33 -26.84 -25.13
C ALA B 23 9.98 -25.89 -26.17
N LYS B 24 11.17 -25.37 -25.85
CA LYS B 24 11.86 -24.48 -26.78
C LYS B 24 12.33 -25.23 -28.05
N GLU B 25 12.93 -26.39 -27.84
CA GLU B 25 13.34 -27.32 -28.89
C GLU B 25 12.16 -27.63 -29.83
N ASP B 26 11.05 -28.05 -29.25
CA ASP B 26 9.81 -28.32 -30.00
C ASP B 26 9.37 -27.10 -30.79
N PHE B 27 9.38 -25.93 -30.14
CA PHE B 27 8.98 -24.69 -30.80
C PHE B 27 9.85 -24.32 -31.98
N LEU B 28 11.16 -24.42 -31.80
CA LEU B 28 12.09 -23.93 -32.82
C LEU B 28 12.08 -24.80 -34.10
N LYS B 29 11.91 -26.10 -33.95
CA LYS B 29 11.72 -26.98 -35.11
C LYS B 29 10.51 -26.53 -35.97
N LYS B 30 9.38 -26.29 -35.32
CA LYS B 30 8.19 -25.87 -36.04
C LYS B 30 8.30 -24.44 -36.56
N TRP B 31 8.96 -23.58 -35.78
CA TRP B 31 9.23 -22.19 -36.16
C TRP B 31 10.07 -22.09 -37.43
N GLU B 32 11.09 -22.94 -37.51
CA GLU B 32 12.04 -22.92 -38.63
C GLU B 32 11.50 -23.49 -39.92
N SER B 33 10.52 -24.38 -39.83
CA SER B 33 9.88 -24.92 -41.02
C SER B 33 8.35 -25.07 -40.84
N PRO B 34 7.61 -23.98 -41.12
CA PRO B 34 6.18 -23.89 -40.86
C PRO B 34 5.29 -24.79 -41.72
N ALA B 35 4.33 -25.45 -41.05
CA ALA B 35 3.20 -26.09 -41.71
C ALA B 35 2.48 -25.10 -42.63
N GLN B 36 2.12 -25.59 -43.81
CA GLN B 36 1.61 -24.75 -44.89
C GLN B 36 0.59 -25.54 -45.72
N ASN B 37 -0.53 -24.90 -46.05
CA ASN B 37 -1.50 -25.46 -47.01
C ASN B 37 -2.06 -26.83 -46.60
N THR B 38 -2.57 -26.92 -45.37
CA THR B 38 -2.95 -28.23 -44.81
C THR B 38 -4.45 -28.58 -44.97
N ALA B 39 -5.22 -27.71 -45.63
CA ALA B 39 -6.65 -27.96 -45.88
C ALA B 39 -7.13 -27.09 -47.03
N HIS B 40 -8.40 -27.22 -47.39
CA HIS B 40 -9.03 -26.37 -48.42
C HIS B 40 -10.42 -25.90 -47.94
N LEU B 41 -10.89 -24.77 -48.43
CA LEU B 41 -12.18 -24.22 -47.94
C LEU B 41 -13.36 -25.18 -48.09
N ASP B 42 -13.34 -25.99 -49.14
CA ASP B 42 -14.46 -26.88 -49.44
C ASP B 42 -14.57 -28.09 -48.49
N GLN B 43 -13.63 -28.23 -47.57
CA GLN B 43 -13.69 -29.32 -46.59
C GLN B 43 -14.57 -28.96 -45.39
N PHE B 44 -15.01 -27.72 -45.34
CA PHE B 44 -15.68 -27.20 -44.14
C PHE B 44 -17.03 -26.63 -44.49
N GLU B 45 -18.04 -26.97 -43.71
CA GLU B 45 -19.32 -26.27 -43.81
C GLU B 45 -19.33 -25.05 -42.87
N ARG B 46 -19.66 -23.88 -43.43
CA ARG B 46 -19.70 -22.61 -42.72
C ARG B 46 -21.03 -22.49 -41.97
N ILE B 47 -20.96 -22.35 -40.65
CA ILE B 47 -22.16 -22.35 -39.80
C ILE B 47 -22.61 -20.97 -39.27
N LYS B 48 -21.71 -20.28 -38.54
CA LYS B 48 -22.07 -19.06 -37.83
C LYS B 48 -20.85 -18.17 -37.64
N THR B 49 -21.01 -16.85 -37.76
CA THR B 49 -19.97 -15.90 -37.42
C THR B 49 -19.86 -15.77 -35.89
N LEU B 50 -18.66 -15.98 -35.38
CA LEU B 50 -18.37 -15.93 -33.93
C LEU B 50 -17.75 -14.59 -33.47
N GLY B 51 -17.28 -13.80 -34.42
CA GLY B 51 -16.58 -12.57 -34.10
C GLY B 51 -16.14 -11.91 -35.39
N THR B 52 -15.88 -10.61 -35.32
CA THR B 52 -15.49 -9.83 -36.49
C THR B 52 -14.44 -8.80 -36.09
N GLY B 53 -13.82 -8.21 -37.10
CA GLY B 53 -12.86 -7.14 -36.91
C GLY B 53 -12.81 -6.32 -38.20
N SER B 54 -11.78 -5.49 -38.34
CA SER B 54 -11.67 -4.58 -39.46
C SER B 54 -11.15 -5.27 -40.72
N PHE B 55 -10.47 -6.40 -40.58
CA PHE B 55 -9.92 -7.12 -41.74
C PHE B 55 -10.22 -8.62 -41.79
N GLY B 56 -11.07 -9.09 -40.88
CA GLY B 56 -11.39 -10.52 -40.87
C GLY B 56 -12.57 -10.88 -40.01
N ARG B 57 -12.84 -12.18 -39.91
CA ARG B 57 -13.86 -12.64 -39.01
C ARG B 57 -13.51 -14.04 -38.55
N VAL B 58 -14.22 -14.53 -37.55
CA VAL B 58 -14.02 -15.89 -37.10
C VAL B 58 -15.36 -16.57 -37.25
N MET B 59 -15.35 -17.77 -37.85
CA MET B 59 -16.59 -18.49 -38.08
C MET B 59 -16.54 -19.88 -37.49
N LEU B 60 -17.63 -20.32 -36.89
CA LEU B 60 -17.77 -21.73 -36.55
C LEU B 60 -17.95 -22.50 -37.87
N VAL B 61 -17.21 -23.59 -38.03
CA VAL B 61 -17.33 -24.44 -39.21
C VAL B 61 -17.37 -25.91 -38.80
N LYS B 62 -17.85 -26.75 -39.71
CA LYS B 62 -17.91 -28.17 -39.48
C LYS B 62 -17.06 -28.83 -40.55
N HIS B 63 -16.10 -29.64 -40.14
CA HIS B 63 -15.28 -30.39 -41.07
C HIS B 63 -16.18 -31.48 -41.66
N LYS B 64 -16.29 -31.51 -42.97
CA LYS B 64 -17.29 -32.39 -43.60
C LYS B 64 -17.01 -33.88 -43.36
N GLU B 65 -15.75 -34.27 -43.49
CA GLU B 65 -15.40 -35.69 -43.47
C GLU B 65 -15.32 -36.33 -42.09
N THR B 66 -14.99 -35.54 -41.06
CA THR B 66 -14.94 -36.03 -39.67
C THR B 66 -16.14 -35.59 -38.88
N GLY B 67 -16.74 -34.48 -39.30
CA GLY B 67 -17.83 -33.88 -38.57
C GLY B 67 -17.38 -33.04 -37.40
N ASN B 68 -16.07 -32.87 -37.22
CA ASN B 68 -15.53 -32.05 -36.12
C ASN B 68 -15.79 -30.58 -36.36
N HIS B 69 -16.11 -29.86 -35.29
CA HIS B 69 -16.32 -28.42 -35.38
C HIS B 69 -15.02 -27.68 -35.12
N TYR B 70 -14.79 -26.60 -35.88
CA TYR B 70 -13.62 -25.75 -35.70
C TYR B 70 -13.99 -24.28 -35.74
N ALA B 71 -13.10 -23.44 -35.23
CA ALA B 71 -13.25 -22.01 -35.41
C ALA B 71 -12.31 -21.57 -36.50
N MET B 72 -12.85 -20.98 -37.54
CA MET B 72 -11.99 -20.63 -38.67
C MET B 72 -11.85 -19.12 -38.75
N LYS B 73 -10.62 -18.65 -38.61
CA LYS B 73 -10.33 -17.23 -38.76
C LYS B 73 -10.10 -16.95 -40.23
N ILE B 74 -10.93 -16.08 -40.82
CA ILE B 74 -10.81 -15.71 -42.23
C ILE B 74 -10.35 -14.26 -42.39
N LEU B 75 -9.21 -14.06 -43.03
CA LEU B 75 -8.68 -12.70 -43.22
C LEU B 75 -8.70 -12.29 -44.70
N ASP B 76 -9.25 -11.11 -44.98
CA ASP B 76 -9.27 -10.55 -46.33
C ASP B 76 -7.89 -10.01 -46.67
N LYS B 77 -7.20 -10.64 -47.65
CA LYS B 77 -5.82 -10.25 -48.01
C LYS B 77 -5.68 -8.77 -48.39
N GLN B 78 -6.62 -8.23 -49.15
CA GLN B 78 -6.53 -6.86 -49.62
C GLN B 78 -6.65 -5.91 -48.43
N LYS B 79 -7.56 -6.24 -47.52
CA LYS B 79 -7.80 -5.42 -46.32
C LYS B 79 -6.64 -5.48 -45.34
N VAL B 80 -5.99 -6.64 -45.28
CA VAL B 80 -4.77 -6.80 -44.48
C VAL B 80 -3.69 -5.85 -45.02
N VAL B 81 -3.53 -5.82 -46.33
CA VAL B 81 -2.53 -4.95 -46.96
C VAL B 81 -2.91 -3.49 -46.73
N LYS B 82 -4.16 -3.14 -46.99
CA LYS B 82 -4.60 -1.75 -46.83
C LYS B 82 -4.30 -1.20 -45.43
N LEU B 83 -4.46 -2.05 -44.42
CA LEU B 83 -4.28 -1.64 -43.02
C LEU B 83 -2.90 -1.96 -42.44
N LYS B 84 -1.97 -2.37 -43.30
CA LYS B 84 -0.54 -2.56 -42.95
C LYS B 84 -0.25 -3.68 -41.94
N GLN B 85 -1.01 -4.75 -42.06
CA GLN B 85 -0.95 -5.82 -41.09
C GLN B 85 -0.33 -7.06 -41.67
N ILE B 86 0.42 -6.92 -42.77
CA ILE B 86 1.03 -8.10 -43.41
C ILE B 86 1.88 -8.89 -42.43
N GLU B 87 2.86 -8.20 -41.82
CA GLU B 87 3.82 -8.83 -40.91
C GLU B 87 3.12 -9.42 -39.67
N HIS B 88 2.16 -8.69 -39.08
CA HIS B 88 1.40 -9.26 -37.94
C HIS B 88 0.62 -10.53 -38.31
N THR B 89 0.06 -10.57 -39.51
CA THR B 89 -0.70 -11.76 -39.91
C THR B 89 0.23 -12.95 -40.13
N LEU B 90 1.42 -12.67 -40.67
CA LEU B 90 2.47 -13.70 -40.83
C LEU B 90 2.97 -14.16 -39.47
N ASN B 91 3.25 -13.20 -38.58
CA ASN B 91 3.59 -13.51 -37.18
C ASN B 91 2.58 -14.50 -36.59
N GLU B 92 1.30 -14.14 -36.67
CA GLU B 92 0.24 -14.90 -36.02
C GLU B 92 0.23 -16.34 -36.47
N LYS B 93 0.23 -16.54 -37.77
CA LYS B 93 0.19 -17.90 -38.30
C LYS B 93 1.44 -18.70 -37.95
N ARG B 94 2.61 -18.08 -38.10
CA ARG B 94 3.89 -18.75 -37.83
C ARG B 94 4.08 -19.13 -36.35
N ILE B 95 3.63 -18.23 -35.45
CA ILE B 95 3.68 -18.49 -34.02
C ILE B 95 2.68 -19.58 -33.66
N LEU B 96 1.42 -19.38 -34.04
CA LEU B 96 0.36 -20.34 -33.66
C LEU B 96 0.64 -21.77 -34.09
N GLN B 97 1.19 -21.93 -35.30
CA GLN B 97 1.53 -23.27 -35.79
C GLN B 97 2.69 -23.90 -34.99
N ALA B 98 3.44 -23.07 -34.29
CA ALA B 98 4.63 -23.56 -33.62
C ALA B 98 4.49 -23.84 -32.12
N VAL B 99 3.47 -23.28 -31.49
CA VAL B 99 3.36 -23.37 -30.04
C VAL B 99 2.52 -24.56 -29.61
N ASN B 100 2.71 -24.96 -28.35
CA ASN B 100 2.00 -26.07 -27.77
C ASN B 100 1.89 -25.88 -26.25
N PHE B 101 0.71 -25.47 -25.77
CA PHE B 101 0.52 -25.28 -24.33
C PHE B 101 -0.95 -25.47 -23.98
N PRO B 102 -1.25 -26.02 -22.79
CA PRO B 102 -2.65 -26.30 -22.45
C PRO B 102 -3.57 -25.10 -22.62
N PHE B 103 -3.11 -23.88 -22.31
CA PHE B 103 -4.01 -22.72 -22.32
C PHE B 103 -3.95 -21.90 -23.58
N LEU B 104 -3.35 -22.46 -24.63
CA LEU B 104 -3.30 -21.78 -25.93
C LEU B 104 -4.22 -22.53 -26.90
N VAL B 105 -5.04 -21.79 -27.65
CA VAL B 105 -5.88 -22.44 -28.67
C VAL B 105 -5.01 -23.14 -29.71
N LYS B 106 -5.40 -24.35 -30.09
CA LYS B 106 -4.63 -25.12 -31.05
C LYS B 106 -5.03 -24.77 -32.46
N LEU B 107 -4.05 -24.39 -33.25
CA LEU B 107 -4.21 -24.28 -34.70
C LEU B 107 -4.18 -25.69 -35.34
N GLU B 108 -5.21 -26.02 -36.10
CA GLU B 108 -5.34 -27.36 -36.70
C GLU B 108 -4.93 -27.40 -38.17
N PHE B 109 -5.32 -26.37 -38.92
CA PHE B 109 -4.99 -26.27 -40.33
C PHE B 109 -4.80 -24.80 -40.68
N SER B 110 -4.02 -24.52 -41.72
CA SER B 110 -4.06 -23.21 -42.35
C SER B 110 -3.95 -23.35 -43.85
N PHE B 111 -4.49 -22.37 -44.57
CA PHE B 111 -4.40 -22.34 -46.02
C PHE B 111 -4.81 -20.98 -46.50
N LYS B 112 -4.65 -20.74 -47.80
CA LYS B 112 -5.07 -19.49 -48.40
C LYS B 112 -5.70 -19.74 -49.78
N ASP B 113 -6.44 -18.77 -50.31
CA ASP B 113 -6.93 -18.91 -51.68
C ASP B 113 -6.73 -17.60 -52.37
N ASN B 114 -7.48 -17.36 -53.44
CA ASN B 114 -7.33 -16.11 -54.20
C ASN B 114 -7.55 -14.84 -53.36
N SER B 115 -8.50 -14.92 -52.44
CA SER B 115 -8.93 -13.75 -51.66
C SER B 115 -8.47 -13.68 -50.19
N ASN B 116 -8.51 -14.81 -49.50
CA ASN B 116 -8.39 -14.81 -48.05
C ASN B 116 -7.30 -15.71 -47.49
N LEU B 117 -6.92 -15.43 -46.24
CA LEU B 117 -6.10 -16.31 -45.43
C LEU B 117 -7.04 -17.04 -44.46
N TYR B 118 -6.74 -18.30 -44.15
CA TYR B 118 -7.57 -19.08 -43.25
C TYR B 118 -6.73 -19.75 -42.19
N MET B 119 -7.16 -19.62 -40.95
CA MET B 119 -6.51 -20.33 -39.85
C MET B 119 -7.62 -21.03 -39.11
N VAL B 120 -7.55 -22.34 -39.10
CA VAL B 120 -8.62 -23.16 -38.58
C VAL B 120 -8.17 -23.67 -37.21
N MET B 121 -8.91 -23.31 -36.17
CA MET B 121 -8.51 -23.60 -34.79
C MET B 121 -9.50 -24.54 -34.14
N GLU B 122 -9.09 -25.18 -33.07
CA GLU B 122 -10.03 -25.86 -32.21
C GLU B 122 -11.16 -24.88 -31.82
N TYR B 123 -12.42 -25.32 -31.86
CA TYR B 123 -13.54 -24.50 -31.43
C TYR B 123 -13.67 -24.52 -29.92
N VAL B 124 -13.70 -23.33 -29.31
CA VAL B 124 -13.91 -23.20 -27.87
C VAL B 124 -15.31 -22.69 -27.60
N PRO B 125 -16.21 -23.57 -27.12
CA PRO B 125 -17.66 -23.32 -27.16
C PRO B 125 -18.21 -22.50 -26.01
N GLY B 126 -17.41 -22.31 -24.96
CA GLY B 126 -17.93 -21.64 -23.76
C GLY B 126 -18.00 -20.13 -23.85
N GLY B 127 -17.49 -19.55 -24.93
CA GLY B 127 -17.53 -18.10 -25.13
C GLY B 127 -16.38 -17.33 -24.48
N GLU B 128 -16.38 -16.00 -24.64
CA GLU B 128 -15.36 -15.11 -24.11
C GLU B 128 -15.56 -14.89 -22.64
N MET B 129 -14.47 -14.85 -21.92
CA MET B 129 -14.53 -14.45 -20.51
C MET B 129 -15.28 -13.11 -20.38
N PHE B 130 -15.07 -12.21 -21.33
CA PHE B 130 -15.68 -10.88 -21.35
C PHE B 130 -17.20 -10.89 -21.17
N SER B 131 -17.89 -11.76 -21.93
CA SER B 131 -19.34 -11.93 -21.79
C SER B 131 -19.72 -12.39 -20.40
N HIS B 132 -19.04 -13.42 -19.89
CA HIS B 132 -19.40 -13.97 -18.58
C HIS B 132 -19.16 -12.97 -17.47
N LEU B 133 -18.03 -12.25 -17.58
CA LEU B 133 -17.68 -11.24 -16.60
C LEU B 133 -18.71 -10.09 -16.61
N ARG B 134 -18.98 -9.55 -17.79
CA ARG B 134 -19.94 -8.46 -17.92
C ARG B 134 -21.34 -8.87 -17.46
N ARG B 135 -21.70 -10.12 -17.70
CA ARG B 135 -22.98 -10.65 -17.27
C ARG B 135 -23.12 -10.74 -15.73
N ILE B 136 -22.12 -11.33 -15.08
CA ILE B 136 -22.16 -11.56 -13.63
C ILE B 136 -21.76 -10.30 -12.83
N GLY B 137 -20.95 -9.44 -13.42
CA GLY B 137 -20.51 -8.23 -12.74
C GLY B 137 -19.02 -8.31 -12.43
N ARG B 138 -18.66 -9.06 -11.40
CA ARG B 138 -17.25 -9.29 -11.06
C ARG B 138 -17.09 -10.70 -10.60
N PHE B 139 -15.85 -11.20 -10.65
CA PHE B 139 -15.49 -12.53 -10.15
C PHE B 139 -14.94 -12.35 -8.74
N SER B 140 -15.17 -13.35 -7.90
CA SER B 140 -14.58 -13.38 -6.56
C SER B 140 -13.05 -13.47 -6.73
N GLU B 141 -12.30 -13.21 -5.66
CA GLU B 141 -10.85 -13.32 -5.76
C GLU B 141 -10.36 -14.74 -6.08
N PRO B 142 -10.91 -15.80 -5.41
CA PRO B 142 -10.52 -17.18 -5.76
C PRO B 142 -10.77 -17.47 -7.23
N HIS B 143 -11.89 -17.01 -7.76
CA HIS B 143 -12.23 -17.24 -9.16
C HIS B 143 -11.33 -16.45 -10.11
N ALA B 144 -11.13 -15.15 -9.84
CA ALA B 144 -10.15 -14.37 -10.60
C ALA B 144 -8.74 -15.00 -10.55
N ARG B 145 -8.34 -15.47 -9.38
CA ARG B 145 -7.04 -16.10 -9.19
C ARG B 145 -6.85 -17.34 -10.08
N PHE B 146 -7.88 -18.17 -10.15
CA PHE B 146 -7.86 -19.39 -10.97
C PHE B 146 -7.56 -19.05 -12.43
N TYR B 147 -8.26 -18.05 -12.97
CA TYR B 147 -7.97 -17.58 -14.33
C TYR B 147 -6.60 -16.94 -14.47
N ALA B 148 -6.23 -16.06 -13.52
CA ALA B 148 -4.94 -15.37 -13.60
C ALA B 148 -3.76 -16.36 -13.56
N ALA B 149 -3.90 -17.44 -12.81
CA ALA B 149 -2.83 -18.43 -12.70
C ALA B 149 -2.51 -19.06 -14.05
N GLN B 150 -3.56 -19.30 -14.84
CA GLN B 150 -3.39 -19.86 -16.19
C GLN B 150 -2.65 -18.89 -17.09
N ILE B 151 -2.93 -17.60 -16.94
CA ILE B 151 -2.26 -16.58 -17.72
C ILE B 151 -0.79 -16.47 -17.32
N VAL B 152 -0.52 -16.48 -16.02
CA VAL B 152 0.89 -16.47 -15.54
C VAL B 152 1.71 -17.61 -16.19
N LEU B 153 1.18 -18.82 -16.13
CA LEU B 153 1.87 -20.00 -16.72
C LEU B 153 2.04 -19.85 -18.21
N THR B 154 1.01 -19.33 -18.86
CA THR B 154 1.03 -19.14 -20.30
C THR B 154 2.08 -18.11 -20.72
N PHE B 155 2.18 -17.01 -19.99
CA PHE B 155 3.24 -16.01 -20.25
C PHE B 155 4.65 -16.54 -19.95
N GLU B 156 4.79 -17.32 -18.88
CA GLU B 156 6.08 -17.95 -18.60
C GLU B 156 6.51 -18.77 -19.83
N TYR B 157 5.56 -19.56 -20.35
CA TYR B 157 5.80 -20.39 -21.54
C TYR B 157 6.15 -19.51 -22.72
N LEU B 158 5.28 -18.57 -23.07
CA LEU B 158 5.51 -17.70 -24.22
C LEU B 158 6.79 -16.88 -24.14
N HIS B 159 7.04 -16.28 -22.97
CA HIS B 159 8.19 -15.41 -22.85
C HIS B 159 9.50 -16.20 -22.97
N SER B 160 9.49 -17.47 -22.55
CA SER B 160 10.70 -18.32 -22.63
C SER B 160 11.03 -18.63 -24.10
N LEU B 161 10.05 -18.43 -24.99
CA LEU B 161 10.26 -18.60 -26.43
C LEU B 161 10.55 -17.27 -27.13
N ASP B 162 10.81 -16.23 -26.33
CA ASP B 162 10.94 -14.85 -26.82
C ASP B 162 9.70 -14.35 -27.57
N LEU B 163 8.52 -14.80 -27.14
CA LEU B 163 7.29 -14.31 -27.73
C LEU B 163 6.63 -13.30 -26.80
N ILE B 164 6.25 -12.14 -27.34
CA ILE B 164 5.40 -11.21 -26.61
C ILE B 164 3.99 -11.35 -27.21
N TYR B 165 2.99 -11.48 -26.34
CA TYR B 165 1.60 -11.68 -26.78
C TYR B 165 0.92 -10.38 -27.19
N ARG B 166 0.89 -9.41 -26.27
CA ARG B 166 0.47 -8.04 -26.62
C ARG B 166 -1.03 -7.83 -26.85
N ASP B 167 -1.89 -8.79 -26.54
CA ASP B 167 -3.33 -8.53 -26.68
C ASP B 167 -4.14 -9.20 -25.56
N LEU B 168 -3.57 -9.21 -24.35
CA LEU B 168 -4.30 -9.74 -23.21
C LEU B 168 -5.53 -8.88 -22.95
N LYS B 169 -6.69 -9.53 -22.87
CA LYS B 169 -7.95 -8.90 -22.48
C LYS B 169 -8.99 -10.02 -22.41
N PRO B 170 -10.09 -9.79 -21.67
CA PRO B 170 -11.03 -10.92 -21.46
C PRO B 170 -11.73 -11.39 -22.75
N GLU B 171 -11.88 -10.50 -23.74
CA GLU B 171 -12.38 -10.85 -25.08
C GLU B 171 -11.60 -11.98 -25.75
N ASN B 172 -10.31 -12.08 -25.42
CA ASN B 172 -9.43 -13.09 -26.04
C ASN B 172 -9.24 -14.36 -25.22
N LEU B 173 -9.95 -14.46 -24.10
CA LEU B 173 -9.80 -15.61 -23.23
C LEU B 173 -11.08 -16.44 -23.29
N LEU B 174 -11.02 -17.57 -23.97
CA LEU B 174 -12.22 -18.38 -24.22
C LEU B 174 -12.34 -19.43 -23.16
N ILE B 175 -13.57 -19.70 -22.71
CA ILE B 175 -13.78 -20.71 -21.68
C ILE B 175 -14.11 -22.06 -22.34
N ASP B 176 -13.33 -23.09 -22.04
CA ASP B 176 -13.52 -24.41 -22.64
C ASP B 176 -14.47 -25.26 -21.79
N GLN B 177 -14.80 -26.47 -22.26
CA GLN B 177 -15.83 -27.29 -21.60
C GLN B 177 -15.45 -27.72 -20.20
N GLN B 178 -14.17 -27.67 -19.84
CA GLN B 178 -13.72 -27.89 -18.45
C GLN B 178 -13.63 -26.62 -17.61
N GLY B 179 -14.02 -25.48 -18.16
CA GLY B 179 -13.95 -24.21 -17.45
C GLY B 179 -12.55 -23.60 -17.40
N TYR B 180 -11.62 -24.12 -18.21
CA TYR B 180 -10.26 -23.56 -18.31
C TYR B 180 -10.14 -22.62 -19.49
N ILE B 181 -9.15 -21.74 -19.43
CA ILE B 181 -8.93 -20.72 -20.46
C ILE B 181 -8.21 -21.25 -21.68
N GLN B 182 -8.67 -20.83 -22.84
CA GLN B 182 -7.93 -21.00 -24.05
C GLN B 182 -7.69 -19.62 -24.63
N VAL B 183 -6.42 -19.21 -24.71
CA VAL B 183 -6.05 -17.90 -25.24
C VAL B 183 -6.14 -17.91 -26.77
N THR B 184 -6.89 -16.97 -27.33
CA THR B 184 -7.00 -16.84 -28.77
C THR B 184 -6.52 -15.48 -29.26
N ASP B 185 -6.45 -15.34 -30.59
CA ASP B 185 -6.03 -14.13 -31.29
C ASP B 185 -4.56 -13.76 -31.03
N PHE B 186 -3.69 -14.31 -31.88
CA PHE B 186 -2.27 -14.02 -31.85
C PHE B 186 -1.91 -12.96 -32.89
N GLY B 187 -2.89 -12.15 -33.27
CA GLY B 187 -2.72 -11.15 -34.32
C GLY B 187 -1.66 -10.11 -34.06
N PHE B 188 -1.34 -9.88 -32.79
CA PHE B 188 -0.32 -8.92 -32.41
C PHE B 188 0.92 -9.56 -31.81
N ALA B 189 0.94 -10.90 -31.69
CA ALA B 189 2.10 -11.59 -31.06
C ALA B 189 3.36 -11.51 -31.93
N LYS B 190 4.53 -11.44 -31.29
CA LYS B 190 5.78 -11.29 -32.03
C LYS B 190 6.91 -12.03 -31.34
N ARG B 191 7.78 -12.66 -32.15
CA ARG B 191 9.04 -13.19 -31.65
C ARG B 191 10.07 -12.08 -31.71
N VAL B 192 10.59 -11.73 -30.54
CA VAL B 192 11.60 -10.69 -30.45
C VAL B 192 12.42 -10.84 -29.19
N LYS B 193 13.74 -10.74 -29.33
CA LYS B 193 14.66 -10.69 -28.21
C LYS B 193 15.02 -9.20 -28.05
N GLY B 194 14.58 -8.63 -26.94
CA GLY B 194 14.79 -7.20 -26.68
C GLY B 194 13.52 -6.40 -26.92
N ARG B 195 13.66 -5.24 -27.53
CA ARG B 195 12.55 -4.30 -27.57
C ARG B 195 11.84 -4.29 -28.91
N THR B 196 10.58 -3.85 -28.91
CA THR B 196 9.86 -3.61 -30.16
C THR B 196 9.12 -2.27 -30.00
N TRP B 197 8.48 -1.78 -31.05
CA TRP B 197 7.92 -0.41 -31.02
C TRP B 197 6.49 -0.25 -31.50
N TPO B 198 5.87 -1.28 -32.08
CA TPO B 198 4.57 -1.04 -32.73
CB TPO B 198 4.09 -2.24 -33.54
CG2 TPO B 198 2.78 -1.93 -34.30
OG1 TPO B 198 5.13 -2.69 -34.43
P TPO B 198 5.85 -4.07 -34.13
O1P TPO B 198 6.98 -4.22 -35.11
O2P TPO B 198 6.34 -3.96 -32.70
O3P TPO B 198 4.75 -5.09 -34.32
C TPO B 198 3.52 -0.64 -31.71
O TPO B 198 3.36 -1.30 -30.69
N LEU B 199 2.80 0.44 -31.99
CA LEU B 199 1.63 0.80 -31.21
C LEU B 199 0.49 -0.14 -31.59
N CYS B 200 0.19 -1.09 -30.73
CA CYS B 200 -0.88 -2.04 -30.98
C CYS B 200 -1.39 -2.54 -29.65
N GLY B 201 -2.64 -2.95 -29.62
CA GLY B 201 -3.27 -3.53 -28.45
C GLY B 201 -4.64 -2.95 -28.33
N THR B 202 -5.13 -2.90 -27.10
CA THR B 202 -6.41 -2.32 -26.76
C THR B 202 -6.12 -1.24 -25.73
N PRO B 203 -6.66 -0.01 -25.94
CA PRO B 203 -6.24 1.13 -25.13
C PRO B 203 -6.24 0.89 -23.63
N GLU B 204 -7.29 0.26 -23.10
CA GLU B 204 -7.38 -0.01 -21.67
C GLU B 204 -6.21 -0.87 -21.13
N TYR B 205 -5.59 -1.66 -22.01
CA TYR B 205 -4.60 -2.66 -21.60
C TYR B 205 -3.14 -2.24 -21.90
N LEU B 206 -2.96 -1.09 -22.54
CA LEU B 206 -1.60 -0.70 -22.96
C LEU B 206 -0.75 -0.24 -21.78
N ALA B 207 0.47 -0.79 -21.68
CA ALA B 207 1.45 -0.30 -20.68
C ALA B 207 1.93 1.10 -21.04
N PRO B 208 2.33 1.89 -20.03
CA PRO B 208 2.78 3.28 -20.26
C PRO B 208 3.86 3.38 -21.35
N GLU B 209 4.81 2.45 -21.36
CA GLU B 209 5.91 2.52 -22.33
C GLU B 209 5.46 2.30 -23.78
N ILE B 210 4.31 1.65 -24.01
CA ILE B 210 3.76 1.55 -25.37
C ILE B 210 3.21 2.92 -25.76
N ILE B 211 2.39 3.48 -24.88
CA ILE B 211 1.82 4.80 -25.10
C ILE B 211 2.94 5.85 -25.38
N LEU B 212 4.01 5.82 -24.61
CA LEU B 212 5.09 6.82 -24.72
C LEU B 212 5.97 6.61 -25.95
N SER B 213 5.63 5.60 -26.75
CA SER B 213 6.31 5.22 -28.00
C SER B 213 7.79 5.00 -27.80
N LYS B 214 8.09 4.31 -26.70
CA LYS B 214 9.44 3.89 -26.38
C LYS B 214 9.57 2.48 -26.89
N GLY B 215 10.76 1.94 -26.89
CA GLY B 215 10.94 0.53 -27.13
C GLY B 215 10.33 -0.12 -25.91
N TYR B 216 9.75 -1.30 -26.08
CA TYR B 216 9.16 -1.97 -24.96
C TYR B 216 9.41 -3.43 -25.10
N ASN B 217 9.33 -4.15 -23.99
CA ASN B 217 9.62 -5.57 -24.03
C ASN B 217 8.47 -6.37 -23.45
N LYS B 218 8.73 -7.62 -23.09
CA LYS B 218 7.70 -8.49 -22.52
C LYS B 218 7.07 -7.96 -21.23
N ALA B 219 7.70 -6.99 -20.55
CA ALA B 219 7.08 -6.42 -19.34
C ALA B 219 5.68 -5.86 -19.63
N VAL B 220 5.39 -5.52 -20.88
CA VAL B 220 4.05 -5.04 -21.26
C VAL B 220 2.96 -6.10 -21.03
N ASP B 221 3.30 -7.38 -21.21
CA ASP B 221 2.34 -8.46 -20.96
C ASP B 221 2.06 -8.58 -19.45
N TRP B 222 3.06 -8.38 -18.61
CA TRP B 222 2.83 -8.41 -17.16
C TRP B 222 2.00 -7.23 -16.70
N TRP B 223 2.19 -6.06 -17.33
CA TRP B 223 1.32 -4.91 -17.03
C TRP B 223 -0.15 -5.24 -17.39
N ALA B 224 -0.34 -5.83 -18.56
CA ALA B 224 -1.66 -6.19 -19.04
C ALA B 224 -2.29 -7.25 -18.11
N LEU B 225 -1.47 -8.11 -17.52
CA LEU B 225 -1.99 -9.04 -16.51
C LEU B 225 -2.55 -8.30 -15.29
N GLY B 226 -1.83 -7.27 -14.81
CA GLY B 226 -2.36 -6.39 -13.77
C GLY B 226 -3.72 -5.83 -14.14
N VAL B 227 -3.85 -5.32 -15.36
CA VAL B 227 -5.14 -4.78 -15.85
C VAL B 227 -6.24 -5.86 -15.84
N LEU B 228 -5.91 -7.03 -16.35
CA LEU B 228 -6.87 -8.15 -16.37
C LEU B 228 -7.34 -8.55 -14.98
N ILE B 229 -6.40 -8.75 -14.06
CA ILE B 229 -6.79 -9.17 -12.70
C ILE B 229 -7.70 -8.12 -12.04
N TYR B 230 -7.33 -6.84 -12.20
CA TYR B 230 -8.15 -5.74 -11.71
C TYR B 230 -9.54 -5.80 -12.32
N GLU B 231 -9.61 -5.92 -13.64
CA GLU B 231 -10.90 -5.94 -14.28
C GLU B 231 -11.74 -7.15 -13.86
N MET B 232 -11.12 -8.34 -13.75
CA MET B 232 -11.87 -9.52 -13.24
C MET B 232 -12.43 -9.32 -11.84
N ALA B 233 -11.63 -8.73 -10.95
CA ALA B 233 -11.96 -8.62 -9.54
C ALA B 233 -12.91 -7.46 -9.22
N ALA B 234 -12.85 -6.41 -10.05
CA ALA B 234 -13.64 -5.21 -9.86
C ALA B 234 -14.86 -5.19 -10.75
N GLY B 235 -14.73 -5.67 -12.00
CA GLY B 235 -15.85 -5.66 -12.95
C GLY B 235 -15.68 -4.57 -13.99
N TYR B 236 -14.65 -3.76 -13.83
CA TYR B 236 -14.34 -2.71 -14.76
C TYR B 236 -12.81 -2.53 -14.74
N PRO B 237 -12.23 -2.03 -15.84
CA PRO B 237 -10.77 -1.84 -15.85
C PRO B 237 -10.29 -0.64 -15.01
N PRO B 238 -9.01 -0.63 -14.60
CA PRO B 238 -8.53 0.46 -13.71
C PRO B 238 -8.44 1.84 -14.36
N PHE B 239 -8.25 1.86 -15.67
CA PHE B 239 -8.11 3.10 -16.44
C PHE B 239 -9.13 3.07 -17.54
N PHE B 240 -10.12 3.96 -17.43
CA PHE B 240 -11.16 4.07 -18.48
C PHE B 240 -11.56 5.52 -18.63
N ALA B 241 -12.01 5.87 -19.82
CA ALA B 241 -12.48 7.20 -20.15
C ALA B 241 -13.17 7.12 -21.49
N ASP B 242 -13.76 8.22 -21.93
CA ASP B 242 -14.45 8.23 -23.21
C ASP B 242 -13.55 8.15 -24.45
N GLN B 243 -12.45 8.91 -24.46
CA GLN B 243 -11.52 8.90 -25.61
C GLN B 243 -10.20 8.18 -25.28
N PRO B 244 -9.58 7.52 -26.27
CA PRO B 244 -8.29 6.85 -26.01
C PRO B 244 -7.30 7.72 -25.25
N ILE B 245 -7.14 8.97 -25.70
CA ILE B 245 -6.13 9.88 -25.14
C ILE B 245 -6.34 10.14 -23.65
N GLN B 246 -7.59 10.16 -23.20
CA GLN B 246 -7.87 10.32 -21.78
C GLN B 246 -7.50 9.06 -20.99
N ILE B 247 -7.69 7.89 -21.59
CA ILE B 247 -7.27 6.63 -20.96
C ILE B 247 -5.75 6.63 -20.82
N TYR B 248 -5.06 7.09 -21.85
CA TYR B 248 -3.60 7.11 -21.89
C TYR B 248 -3.01 8.01 -20.80
N GLU B 249 -3.68 9.14 -20.56
CA GLU B 249 -3.33 10.04 -19.47
C GLU B 249 -3.38 9.39 -18.08
N LYS B 250 -4.45 8.66 -17.78
CA LYS B 250 -4.52 7.90 -16.52
C LYS B 250 -3.43 6.83 -16.43
N ILE B 251 -3.19 6.14 -17.54
CA ILE B 251 -2.20 5.06 -17.57
C ILE B 251 -0.82 5.59 -17.21
N VAL B 252 -0.36 6.61 -17.95
CA VAL B 252 1.01 7.12 -17.72
C VAL B 252 1.21 7.78 -16.34
N SER B 253 0.16 8.37 -15.77
CA SER B 253 0.30 9.02 -14.48
C SER B 253 0.21 8.03 -13.33
N GLY B 254 -0.26 6.82 -13.62
CA GLY B 254 -0.46 5.77 -12.62
C GLY B 254 -1.66 6.04 -11.72
N LYS B 255 -2.75 6.54 -12.32
CA LYS B 255 -3.97 6.84 -11.58
C LYS B 255 -4.74 5.57 -11.22
N VAL B 256 -4.22 4.76 -10.29
CA VAL B 256 -5.00 3.57 -9.84
C VAL B 256 -5.56 3.67 -8.44
N ARG B 257 -6.87 3.49 -8.36
CA ARG B 257 -7.57 3.37 -7.10
C ARG B 257 -8.30 2.02 -7.06
N PHE B 258 -8.20 1.35 -5.93
CA PHE B 258 -8.73 0.01 -5.76
C PHE B 258 -10.10 0.04 -5.09
N PRO B 259 -11.05 -0.80 -5.56
CA PRO B 259 -12.28 -1.02 -4.79
C PRO B 259 -11.94 -1.36 -3.34
N SER B 260 -12.81 -0.97 -2.40
CA SER B 260 -12.53 -1.26 -0.98
C SER B 260 -12.70 -2.73 -0.67
N HIS B 261 -13.36 -3.48 -1.56
CA HIS B 261 -13.43 -4.94 -1.38
C HIS B 261 -12.17 -5.70 -1.79
N PHE B 262 -11.21 -5.05 -2.48
CA PHE B 262 -9.96 -5.74 -2.86
C PHE B 262 -9.16 -6.10 -1.60
N SER B 263 -8.74 -7.36 -1.47
CA SER B 263 -7.87 -7.73 -0.35
C SER B 263 -6.53 -6.98 -0.36
N SER B 264 -5.88 -6.98 0.80
CA SER B 264 -4.56 -6.37 0.92
C SER B 264 -3.54 -7.05 -0.02
N ASP B 265 -3.59 -8.38 -0.10
CA ASP B 265 -2.67 -9.11 -0.96
C ASP B 265 -2.91 -8.80 -2.44
N LEU B 266 -4.19 -8.70 -2.84
CA LEU B 266 -4.52 -8.32 -4.22
C LEU B 266 -3.93 -6.96 -4.60
N LYS B 267 -4.26 -5.93 -3.83
CA LYS B 267 -3.66 -4.59 -4.01
C LYS B 267 -2.13 -4.60 -4.13
N ASP B 268 -1.46 -5.32 -3.23
CA ASP B 268 0.00 -5.41 -3.29
C ASP B 268 0.47 -5.99 -4.64
N LEU B 269 -0.15 -7.09 -5.06
CA LEU B 269 0.21 -7.66 -6.35
C LEU B 269 -0.03 -6.66 -7.47
N LEU B 270 -1.18 -5.98 -7.43
CA LEU B 270 -1.54 -5.05 -8.47
C LEU B 270 -0.63 -3.83 -8.53
N ARG B 271 -0.18 -3.36 -7.35
CA ARG B 271 0.76 -2.23 -7.31
C ARG B 271 2.07 -2.59 -8.01
N ASN B 272 2.44 -3.84 -7.91
CA ASN B 272 3.68 -4.30 -8.48
C ASN B 272 3.59 -4.64 -9.96
N LEU B 273 2.39 -5.05 -10.42
CA LEU B 273 2.16 -5.34 -11.83
C LEU B 273 1.85 -4.05 -12.55
N LEU B 274 1.06 -3.16 -11.93
CA LEU B 274 0.73 -1.88 -12.56
C LEU B 274 1.75 -0.83 -12.18
N GLN B 275 3.00 -1.25 -12.16
CA GLN B 275 4.12 -0.40 -11.85
C GLN B 275 4.50 0.33 -13.15
N VAL B 276 4.36 1.66 -13.13
CA VAL B 276 4.63 2.50 -14.30
C VAL B 276 6.12 2.47 -14.73
N ASP B 277 7.02 2.26 -13.78
CA ASP B 277 8.45 2.07 -14.09
C ASP B 277 8.69 0.61 -14.49
N LEU B 278 8.89 0.35 -15.78
CA LEU B 278 9.05 -1.04 -16.25
C LEU B 278 10.18 -1.82 -15.57
N THR B 279 11.22 -1.14 -15.09
CA THR B 279 12.37 -1.82 -14.50
C THR B 279 12.07 -2.21 -13.05
N LYS B 280 10.96 -1.76 -12.50
CA LYS B 280 10.54 -2.20 -11.17
C LYS B 280 9.30 -3.11 -11.22
N ARG B 281 8.82 -3.44 -12.42
CA ARG B 281 7.54 -4.19 -12.55
C ARG B 281 7.76 -5.69 -12.33
N PHE B 282 6.94 -6.30 -11.48
CA PHE B 282 6.88 -7.75 -11.38
C PHE B 282 6.74 -8.48 -12.73
N GLY B 283 7.48 -9.56 -12.88
CA GLY B 283 7.61 -10.23 -14.15
C GLY B 283 8.86 -9.76 -14.87
N ASN B 284 9.37 -8.58 -14.51
CA ASN B 284 10.50 -7.98 -15.25
C ASN B 284 11.70 -7.70 -14.33
N LEU B 285 11.65 -8.25 -13.12
CA LEU B 285 12.77 -8.11 -12.18
C LEU B 285 13.72 -9.28 -12.40
N LYS B 286 14.86 -9.30 -11.71
CA LYS B 286 15.86 -10.33 -12.01
C LYS B 286 15.33 -11.72 -11.64
N ASN B 287 14.42 -11.79 -10.67
CA ASN B 287 13.77 -13.06 -10.33
C ASN B 287 12.55 -13.43 -11.22
N GLY B 288 12.29 -12.62 -12.25
CA GLY B 288 11.33 -13.02 -13.32
C GLY B 288 9.93 -13.39 -12.82
N VAL B 289 9.35 -14.43 -13.42
CA VAL B 289 7.96 -14.83 -13.12
C VAL B 289 7.79 -15.34 -11.69
N ASN B 290 8.88 -15.80 -11.06
CA ASN B 290 8.81 -16.28 -9.69
C ASN B 290 8.39 -15.26 -8.63
N ASP B 291 8.60 -13.96 -8.91
CA ASP B 291 8.12 -12.93 -8.00
C ASP B 291 6.58 -12.91 -8.03
N ILE B 292 6.01 -13.30 -9.16
CA ILE B 292 4.55 -13.38 -9.25
C ILE B 292 4.07 -14.70 -8.64
N LYS B 293 4.71 -15.79 -9.02
CA LYS B 293 4.27 -17.13 -8.61
C LYS B 293 4.38 -17.32 -7.10
N ASN B 294 5.36 -16.65 -6.48
CA ASN B 294 5.58 -16.77 -5.03
C ASN B 294 4.95 -15.62 -4.24
N HIS B 295 4.23 -14.73 -4.93
CA HIS B 295 3.48 -13.67 -4.25
C HIS B 295 2.39 -14.23 -3.33
N LYS B 296 2.13 -13.49 -2.24
CA LYS B 296 1.13 -13.91 -1.24
C LYS B 296 -0.26 -14.14 -1.82
N TRP B 297 -0.69 -13.29 -2.76
CA TRP B 297 -2.02 -13.46 -3.39
C TRP B 297 -2.20 -14.81 -4.05
N PHE B 298 -1.09 -15.40 -4.50
CA PHE B 298 -1.13 -16.72 -5.12
C PHE B 298 -0.72 -17.87 -4.18
N ALA B 299 -0.64 -17.61 -2.87
CA ALA B 299 -0.22 -18.69 -1.93
C ALA B 299 -1.08 -19.96 -2.05
N THR B 300 -2.38 -19.81 -2.37
CA THR B 300 -3.26 -20.99 -2.44
C THR B 300 -3.17 -21.70 -3.80
N THR B 301 -2.41 -21.16 -4.74
CA THR B 301 -2.39 -21.72 -6.10
C THR B 301 -1.41 -22.89 -6.15
N ASP B 302 -1.91 -24.02 -6.64
CA ASP B 302 -1.09 -25.21 -6.90
C ASP B 302 -0.76 -25.18 -8.38
N TRP B 303 0.44 -24.70 -8.71
CA TRP B 303 0.81 -24.35 -10.09
C TRP B 303 0.79 -25.55 -11.01
N ILE B 304 1.29 -26.66 -10.50
CA ILE B 304 1.32 -27.91 -11.24
C ILE B 304 -0.11 -28.42 -11.50
N ALA B 305 -0.96 -28.40 -10.48
CA ALA B 305 -2.34 -28.87 -10.66
C ALA B 305 -3.10 -28.00 -11.66
N ILE B 306 -2.81 -26.70 -11.68
CA ILE B 306 -3.43 -25.82 -12.67
C ILE B 306 -2.99 -26.25 -14.05
N TYR B 307 -1.68 -26.39 -14.23
CA TYR B 307 -1.09 -26.84 -15.50
C TYR B 307 -1.72 -28.14 -16.00
N GLN B 308 -1.92 -29.11 -15.10
CA GLN B 308 -2.47 -30.42 -15.46
C GLN B 308 -4.00 -30.40 -15.49
N ARG B 309 -4.59 -29.23 -15.27
CA ARG B 309 -6.05 -29.07 -15.29
C ARG B 309 -6.77 -29.95 -14.25
N LYS B 310 -6.17 -30.11 -13.09
CA LYS B 310 -6.81 -30.90 -12.04
C LYS B 310 -7.59 -30.06 -10.99
N VAL B 311 -7.46 -28.74 -11.03
CA VAL B 311 -8.22 -27.90 -10.07
C VAL B 311 -9.64 -27.75 -10.58
N GLU B 312 -10.62 -27.83 -9.67
CA GLU B 312 -12.03 -27.63 -10.02
C GLU B 312 -12.26 -26.20 -10.50
N ALA B 313 -12.88 -26.05 -11.67
CA ALA B 313 -13.15 -24.75 -12.28
C ALA B 313 -14.33 -24.02 -11.59
N PRO B 314 -14.30 -22.68 -11.55
CA PRO B 314 -15.35 -21.84 -10.95
C PRO B 314 -16.70 -22.10 -11.58
N PHE B 315 -16.71 -22.34 -12.90
CA PHE B 315 -17.94 -22.74 -13.57
C PHE B 315 -17.66 -23.47 -14.89
N ILE B 316 -18.62 -24.29 -15.26
CA ILE B 316 -18.57 -25.04 -16.50
C ILE B 316 -19.68 -24.44 -17.37
N PRO B 317 -19.31 -23.94 -18.58
CA PRO B 317 -20.30 -23.26 -19.40
C PRO B 317 -21.37 -24.22 -19.89
N LYS B 318 -22.57 -23.69 -20.09
CA LYS B 318 -23.67 -24.44 -20.69
C LYS B 318 -23.27 -24.95 -22.04
N PHE B 319 -23.53 -26.23 -22.27
CA PHE B 319 -23.14 -26.89 -23.50
C PHE B 319 -24.34 -27.68 -23.99
N LYS B 320 -25.02 -27.15 -25.00
CA LYS B 320 -26.23 -27.75 -25.52
C LYS B 320 -26.00 -28.88 -26.53
N GLY B 321 -24.72 -29.12 -26.87
CA GLY B 321 -24.33 -30.20 -27.79
C GLY B 321 -23.24 -29.76 -28.76
N PRO B 322 -22.79 -30.68 -29.63
CA PRO B 322 -21.79 -30.27 -30.63
C PRO B 322 -22.34 -29.15 -31.53
N GLY B 323 -21.52 -28.13 -31.79
CA GLY B 323 -21.91 -27.02 -32.67
C GLY B 323 -22.82 -25.99 -32.05
N ASP B 324 -23.04 -26.06 -30.73
CA ASP B 324 -23.84 -25.07 -30.02
C ASP B 324 -23.06 -23.75 -29.95
N THR B 325 -23.74 -22.64 -30.24
CA THR B 325 -23.16 -21.29 -30.25
C THR B 325 -23.84 -20.35 -29.24
N SER B 326 -24.57 -20.92 -28.30
CA SER B 326 -25.34 -20.17 -27.30
C SER B 326 -24.51 -19.18 -26.48
N ASN B 327 -23.22 -19.48 -26.32
CA ASN B 327 -22.32 -18.66 -25.49
C ASN B 327 -21.71 -17.48 -26.26
N PHE B 328 -22.05 -17.38 -27.55
CA PHE B 328 -21.52 -16.34 -28.44
C PHE B 328 -22.67 -15.49 -28.91
N ASP B 329 -22.39 -14.22 -29.13
CA ASP B 329 -23.42 -13.32 -29.59
C ASP B 329 -23.48 -13.28 -31.10
N ASP B 330 -24.56 -12.68 -31.61
CA ASP B 330 -24.86 -12.67 -33.03
C ASP B 330 -24.16 -11.56 -33.80
N TYR B 331 -23.74 -11.89 -35.03
CA TYR B 331 -23.07 -10.94 -35.91
C TYR B 331 -23.68 -11.09 -37.28
N GLU B 332 -23.71 -10.01 -38.06
CA GLU B 332 -24.19 -10.06 -39.45
C GLU B 332 -23.50 -11.17 -40.25
N GLU B 333 -24.28 -12.01 -40.93
CA GLU B 333 -23.72 -13.09 -41.72
C GLU B 333 -23.52 -12.60 -43.15
N GLU B 334 -22.27 -12.59 -43.62
CA GLU B 334 -21.98 -12.20 -45.01
C GLU B 334 -21.25 -13.29 -45.78
N GLU B 335 -21.24 -13.19 -47.10
CA GLU B 335 -20.67 -14.27 -47.91
C GLU B 335 -19.15 -14.34 -47.78
N ILE B 336 -18.63 -15.57 -47.90
CA ILE B 336 -17.20 -15.76 -48.08
C ILE B 336 -17.05 -15.90 -49.59
N ARG B 337 -16.82 -14.78 -50.27
CA ARG B 337 -16.62 -14.78 -51.72
C ARG B 337 -15.12 -14.81 -52.02
N VAL B 338 -14.76 -15.68 -52.96
CA VAL B 338 -13.38 -15.86 -53.40
C VAL B 338 -13.28 -15.33 -54.84
N SEP B 339 -12.46 -14.31 -55.02
CA SEP B 339 -12.26 -13.74 -56.34
CB SEP B 339 -11.35 -12.51 -56.25
OG SEP B 339 -11.01 -12.00 -57.53
C SEP B 339 -11.72 -14.77 -57.35
O SEP B 339 -11.19 -15.83 -56.98
P SEP B 339 -12.09 -10.95 -58.13
O1P SEP B 339 -12.63 -9.99 -56.98
O2P SEP B 339 -11.33 -10.04 -59.19
O3P SEP B 339 -13.28 -11.81 -58.75
N ILE B 340 -11.90 -14.50 -58.63
CA ILE B 340 -11.35 -15.36 -59.68
C ILE B 340 -9.89 -14.95 -59.96
N ASN B 341 -9.48 -13.83 -59.39
CA ASN B 341 -8.12 -13.31 -59.55
C ASN B 341 -7.40 -13.40 -58.22
N GLU B 342 -6.17 -13.90 -58.25
CA GLU B 342 -5.36 -13.97 -57.05
C GLU B 342 -4.90 -12.60 -56.59
N LYS B 343 -5.25 -12.26 -55.35
CA LYS B 343 -4.89 -10.97 -54.78
C LYS B 343 -3.66 -11.09 -53.88
N CYS B 344 -2.74 -10.13 -53.99
CA CYS B 344 -1.56 -10.05 -53.13
C CYS B 344 -0.80 -11.37 -52.97
N GLY B 345 -0.58 -12.10 -54.06
CA GLY B 345 0.06 -13.42 -53.97
C GLY B 345 1.47 -13.33 -53.39
N LYS B 346 2.19 -12.29 -53.79
CA LYS B 346 3.57 -12.10 -53.39
C LYS B 346 3.70 -11.80 -51.90
N GLU B 347 2.89 -10.84 -51.44
CA GLU B 347 2.87 -10.44 -50.03
C GLU B 347 2.69 -11.62 -49.09
N PHE B 348 1.93 -12.62 -49.51
CA PHE B 348 1.58 -13.73 -48.64
C PHE B 348 2.16 -15.09 -49.00
N SER B 349 3.18 -15.11 -49.86
CA SER B 349 3.73 -16.40 -50.30
C SER B 349 4.24 -17.28 -49.15
N GLU B 350 4.70 -16.68 -48.05
CA GLU B 350 5.15 -17.49 -46.90
C GLU B 350 4.01 -18.06 -46.03
N PHE B 351 2.78 -17.59 -46.25
CA PHE B 351 1.62 -18.10 -45.50
C PHE B 351 1.23 -19.49 -46.01
N1 A03 C . -4.00 7.00 21.20
C2 A03 C . -5.09 7.74 21.40
N3 A03 C . -5.10 9.05 21.23
C4 A03 C . -3.98 9.69 20.84
C5 A03 C . -2.82 8.94 20.62
C6 A03 C . -2.84 7.57 20.83
N6 A03 C . -1.74 6.83 20.63
N7 A03 C . -1.87 9.80 20.27
C8 A03 C . -2.40 11.03 20.24
N9 A03 C . -3.68 10.95 20.59
OAL A03 C . -1.73 14.16 19.32
OAN A03 C . -3.74 15.05 22.56
OAO A03 C . -5.89 13.33 22.22
OBR A03 C . -4.34 13.11 19.64
CBY A03 C . -2.70 14.89 19.55
CCG A03 C . -3.54 13.95 21.72
CCH A03 C . -4.58 12.82 22.00
CCI A03 C . -3.91 14.34 20.30
CCJ A03 C . -4.63 12.10 20.67
CBV A03 C . 0.63 19.02 14.31
OAI A03 C . -0.09 19.77 13.64
CBD A03 C . 0.57 17.51 14.08
CAV A03 C . -0.68 16.88 14.69
CAR A03 C . -0.65 17.04 16.21
CAU A03 C . -1.94 16.63 16.90
CBA A03 C . -1.72 16.85 18.40
NBN A03 C . -2.79 16.18 19.17
N A03 C . 1.47 19.43 15.26
CA A03 C . 1.65 20.85 15.57
CB A03 C . 2.90 21.08 16.46
C A03 C . 0.39 21.41 16.26
O A03 C . -0.14 22.44 15.84
CBW A03 C . -3.73 24.64 21.72
OAJ A03 C . -3.24 24.85 22.86
CBE A03 C . -2.88 24.91 20.46
CAW A03 C . -2.63 23.61 19.72
CAS A03 C . -1.20 23.52 19.18
CAT A03 C . -0.70 22.06 19.26
CAZ A03 C . -1.19 21.20 18.12
NBM A03 C . -0.03 20.75 17.34
NBP A03 C . -4.97 24.16 21.47
CCF A03 C . -5.95 23.83 22.53
CBG A03 C . -7.32 23.63 21.88
CAY A03 C . -7.40 22.24 21.21
CBC A03 C . -7.70 21.20 22.29
NBL A03 C . -6.85 20.02 22.07
CBT A03 C . -6.71 19.05 22.98
NAC A03 C . -5.94 18.00 22.65
NAE A03 C . -7.34 19.11 24.14
CBZ A03 C . -6.05 24.95 23.58
OAM A03 C . -5.98 26.12 23.22
NBQ A03 C . -6.21 24.56 24.85
CCE A03 C . -6.30 25.49 25.98
CBF A03 C . -5.27 25.13 27.06
CAX A03 C . -3.84 24.92 26.51
CBB A03 C . -2.89 24.97 27.72
NBK A03 C . -2.81 23.62 28.32
CBS A03 C . -2.93 23.46 29.65
NAB A03 C . -3.14 24.50 30.45
NAD A03 C . -2.82 22.24 30.17
CBU A03 C . -7.69 25.46 26.65
OAH A03 C . -8.49 24.55 26.44
NAF A03 C . -7.93 26.47 27.47
N1 A03 D . -13.23 -20.73 -30.66
C2 A03 D . -14.36 -20.03 -30.50
N3 A03 D . -14.42 -18.71 -30.72
C4 A03 D . -13.32 -18.05 -31.11
C5 A03 D . -12.13 -18.74 -31.31
C6 A03 D . -12.10 -20.12 -31.07
N6 A03 D . -10.97 -20.82 -31.25
N7 A03 D . -11.20 -17.85 -31.67
C8 A03 D . -11.79 -16.65 -31.70
N9 A03 D . -13.08 -16.77 -31.37
OAL A03 D . -11.21 -13.23 -32.22
OAN A03 D . -13.13 -12.69 -29.29
OAO A03 D . -15.24 -14.38 -29.52
OBR A03 D . -13.87 -14.60 -32.25
CBY A03 D . -12.31 -12.68 -32.23
CCG A03 D . -13.01 -13.81 -30.19
CCH A03 D . -13.99 -14.94 -29.89
CCI A03 D . -13.49 -13.36 -31.55
CCJ A03 D . -14.11 -15.65 -31.26
CBV A03 D . -9.13 -8.44 -37.41
OAI A03 D . -9.92 -7.70 -38.01
CBD A03 D . -9.14 -9.95 -37.71
CAV A03 D . -10.42 -10.60 -37.19
CAR A03 D . -10.28 -10.84 -35.68
CAU A03 D . -11.63 -10.88 -34.97
CBA A03 D . -11.43 -10.76 -33.45
NBN A03 D . -12.52 -11.47 -32.77
N A03 D . -8.25 -8.04 -36.48
CA A03 D . -8.07 -6.62 -36.07
CB A03 D . -6.87 -6.45 -35.13
C A03 D . -9.33 -6.09 -35.39
O A03 D . -9.88 -5.08 -35.81
CBW A03 D . -13.02 -3.10 -29.90
OAJ A03 D . -12.46 -3.34 -28.82
CBE A03 D . -12.19 -2.59 -31.09
CAW A03 D . -12.09 -3.66 -32.19
CAS A03 D . -10.65 -4.11 -32.44
CAT A03 D . -10.51 -5.65 -32.30
CAZ A03 D . -10.95 -6.42 -33.56
NBM A03 D . -9.76 -6.81 -34.36
NBP A03 D . -14.34 -3.26 -30.11
CCF A03 D . -15.26 -3.75 -29.06
CBG A03 D . -16.67 -4.06 -29.62
CAY A03 D . -16.76 -5.49 -30.20
CBC A03 D . -17.05 -6.55 -29.12
NBL A03 D . -16.18 -7.72 -29.39
CBT A03 D . -16.10 -8.80 -28.63
NAC A03 D . -15.25 -9.76 -29.01
NAE A03 D . -16.81 -8.95 -27.51
CBZ A03 D . -15.35 -2.70 -27.93
OAM A03 D . -15.25 -1.50 -28.19
NBQ A03 D . -15.55 -3.20 -26.72
CCE A03 D . -15.57 -2.35 -25.51
CBF A03 D . -14.58 -2.93 -24.51
CAX A03 D . -13.14 -2.63 -24.95
CBB A03 D . -12.21 -2.82 -23.76
NBK A03 D . -12.26 -4.20 -23.25
CBS A03 D . -12.24 -4.48 -21.94
NAB A03 D . -12.26 -3.51 -21.02
NAD A03 D . -12.19 -5.75 -21.54
CBU A03 D . -16.95 -2.22 -24.85
OAH A03 D . -17.83 -3.06 -25.01
NAF A03 D . -17.09 -1.13 -24.10
#